data_2Z87
#
_entry.id   2Z87
#
_cell.length_a   82.371
_cell.length_b   109.285
_cell.length_c   85.575
_cell.angle_alpha   90.00
_cell.angle_beta   103.47
_cell.angle_gamma   90.00
#
_symmetry.space_group_name_H-M   'P 1 21 1'
#
loop_
_entity.id
_entity.type
_entity.pdbx_description
1 polymer 'Chondroitin synthase'
2 non-polymer URIDINE-DIPHOSPHATE-N-ACETYLGALACTOSAMINE
3 non-polymer "URIDINE-5'-DIPHOSPHATE"
4 non-polymer 'MANGANESE (II) ION'
5 water water
#
_entity_poly.entity_id   1
_entity_poly.type   'polypeptide(L)'
_entity_poly.pdbx_seq_one_letter_code
;AVIDIDAATKIMCSNAKAISLNEVEKNEIISKYREITAKKSERAELKEVEPIPLDWPSDLTLPPLPESTNDYVWAGKRKE
LDDYPRKQLIIDGLSIVIPTYNRAKILAITLACLCNQKTIYDYEVIVADDGSKENIEEIVREFESLLNIKYVRQKDYGYQ
LCAVRNLGLRAAKYNYVAILDCDMAPNPLWVQSYMELLAVDDNVALIGPRKYIDTSKHTYLDFLSQKSLINEIPEIITNN
QVAGKVEQNKSVDWRIEHFKNTDNLRLCNTPFRFFSGGNVAFAKKWLFRAGWFDEEFTHWGGEDNEFGYRLYREGCYFRS
VEGAMAYHQEPPGKENETDRAAGKNITVQLLQQKVPYFYRKKEKIESATLKRVPLVSIYIPAYNCSKYIVRCVESALNQT
ITDLEVCICDDGSTDDTLRILQEHYANHPRVRFISQKNKGIGSASNTAVRLCRGFYIGQLDSDDFLEPDAVELCLDEFRK
DLSLACVYTTNRNIDREGNLISNGYNWPIYSREKLTSAMICHHFRMFTARAWNLTEGFNESISNAVDYDMYLKLSEVGPF
KHINKICYNRVLHGENTSIKKLDIQKENHFKVVNESLSRLGIKKYKYSPLTNLNECRKYTWEKI
;
_entity_poly.pdbx_strand_id   A,B
#
# COMPACT_ATOMS: atom_id res chain seq x y z
N ALA A 1 -3.69 10.20 49.14
CA ALA A 1 -3.65 9.92 47.67
C ALA A 1 -2.70 8.76 47.36
N VAL A 2 -2.19 8.75 46.13
CA VAL A 2 -1.26 7.72 45.65
C VAL A 2 -0.64 8.07 44.27
N ILE A 3 -1.38 7.73 43.20
CA ILE A 3 -0.98 7.98 41.81
C ILE A 3 -2.26 8.29 41.02
N ASP A 4 -2.15 8.84 39.81
CA ASP A 4 -3.35 9.15 39.04
C ASP A 4 -3.10 9.60 37.60
N ILE A 5 -4.07 10.29 37.02
CA ILE A 5 -3.96 10.82 35.67
C ILE A 5 -4.34 12.29 35.75
N ASP A 6 -3.78 13.10 34.85
CA ASP A 6 -4.02 14.54 34.80
C ASP A 6 -5.42 15.02 35.12
N ALA A 7 -5.50 16.21 35.71
CA ALA A 7 -6.77 16.81 36.08
C ALA A 7 -7.48 17.33 34.84
N ALA A 8 -6.69 17.72 33.84
CA ALA A 8 -7.23 18.24 32.61
C ALA A 8 -8.21 17.23 32.06
N THR A 9 -7.69 16.02 31.91
CA THR A 9 -8.43 14.89 31.39
C THR A 9 -9.52 14.43 32.38
N LYS A 10 -9.19 14.49 33.67
CA LYS A 10 -10.10 14.09 34.73
C LYS A 10 -11.40 14.86 34.61
N ILE A 11 -11.30 16.15 34.36
CA ILE A 11 -12.48 17.01 34.24
C ILE A 11 -13.32 16.67 33.02
N MET A 12 -12.67 16.41 31.89
CA MET A 12 -13.38 16.09 30.66
C MET A 12 -14.18 14.80 30.78
N CYS A 13 -13.59 13.80 31.42
CA CYS A 13 -14.27 12.52 31.62
C CYS A 13 -15.45 12.75 32.56
N SER A 14 -15.31 13.72 33.44
CA SER A 14 -16.37 14.05 34.39
C SER A 14 -17.50 14.73 33.64
N ASN A 15 -17.15 15.77 32.88
CA ASN A 15 -18.14 16.51 32.12
C ASN A 15 -18.86 15.53 31.20
N ALA A 16 -18.22 14.40 30.92
CA ALA A 16 -18.81 13.37 30.07
C ALA A 16 -19.89 12.56 30.78
N LYS A 17 -19.53 11.87 31.85
CA LYS A 17 -20.50 11.07 32.60
C LYS A 17 -21.74 11.92 32.89
N ALA A 18 -22.90 11.44 32.45
CA ALA A 18 -24.17 12.16 32.66
C ALA A 18 -24.56 12.26 34.13
N ILE A 19 -23.76 11.65 35.01
CA ILE A 19 -24.01 11.71 36.45
C ILE A 19 -22.94 12.60 37.10
N SER A 20 -23.32 13.86 37.29
CA SER A 20 -22.47 14.92 37.86
C SER A 20 -21.68 14.63 39.13
N LEU A 21 -20.35 14.67 39.00
CA LEU A 21 -19.42 14.48 40.10
C LEU A 21 -19.65 15.70 41.01
N ASN A 22 -19.67 15.50 42.34
CA ASN A 22 -19.95 16.61 43.27
C ASN A 22 -19.07 17.84 43.08
N GLU A 23 -19.72 18.94 42.71
CA GLU A 23 -19.07 20.22 42.49
C GLU A 23 -17.88 20.40 43.41
N VAL A 24 -18.06 20.08 44.69
CA VAL A 24 -17.00 20.21 45.67
C VAL A 24 -15.69 19.59 45.17
N GLU A 25 -15.81 18.39 44.60
CA GLU A 25 -14.65 17.68 44.06
C GLU A 25 -14.20 18.35 42.78
N LYS A 26 -15.12 18.40 41.83
CA LYS A 26 -14.86 18.99 40.52
C LYS A 26 -14.05 20.28 40.66
N ASN A 27 -14.56 21.23 41.43
CA ASN A 27 -13.86 22.51 41.61
C ASN A 27 -12.43 22.32 42.08
N GLU A 28 -12.27 21.52 43.13
CA GLU A 28 -10.96 21.26 43.70
C GLU A 28 -9.97 20.81 42.62
N ILE A 29 -10.44 20.00 41.68
CA ILE A 29 -9.60 19.50 40.60
C ILE A 29 -9.36 20.59 39.54
N ILE A 30 -10.42 21.34 39.20
CA ILE A 30 -10.30 22.39 38.21
C ILE A 30 -9.22 23.36 38.68
N SER A 31 -9.32 23.78 39.93
CA SER A 31 -8.34 24.70 40.47
C SER A 31 -6.95 24.13 40.31
N LYS A 32 -6.78 22.88 40.74
CA LYS A 32 -5.49 22.23 40.67
C LYS A 32 -4.97 22.30 39.24
N TYR A 33 -5.91 22.28 38.29
CA TYR A 33 -5.56 22.37 36.87
C TYR A 33 -5.09 23.79 36.58
N ARG A 34 -5.94 24.76 36.89
CA ARG A 34 -5.64 26.17 36.67
C ARG A 34 -4.27 26.58 37.17
N GLU A 35 -3.87 26.07 38.34
CA GLU A 35 -2.57 26.43 38.90
C GLU A 35 -1.39 25.72 38.30
N ILE A 36 -1.60 24.53 37.75
CA ILE A 36 -0.50 23.80 37.15
C ILE A 36 -0.22 24.32 35.75
N THR A 37 -1.22 24.95 35.13
CA THR A 37 -1.08 25.51 33.79
C THR A 37 -1.25 27.01 33.92
N ALA A 38 -0.57 27.60 34.91
CA ALA A 38 -0.66 29.03 35.16
C ALA A 38 0.50 29.81 34.53
N LYS A 39 1.72 29.29 34.71
CA LYS A 39 2.91 29.93 34.17
C LYS A 39 2.72 30.31 32.71
N LYS A 40 3.41 31.34 32.25
CA LYS A 40 3.31 31.75 30.85
C LYS A 40 4.70 31.73 30.24
N SER A 41 4.81 31.29 29.00
CA SER A 41 6.11 31.25 28.36
C SER A 41 6.69 32.64 28.39
N GLU A 42 7.95 32.74 28.81
CA GLU A 42 8.62 34.03 28.90
C GLU A 42 9.30 34.40 27.59
N ARG A 43 8.99 35.60 27.09
CA ARG A 43 9.57 36.05 25.85
C ARG A 43 11.09 35.93 25.91
N ALA A 44 11.72 35.97 24.74
CA ALA A 44 13.16 35.83 24.64
C ALA A 44 13.88 37.11 24.30
N GLU A 45 15.20 37.04 24.49
CA GLU A 45 16.11 38.13 24.22
C GLU A 45 15.89 38.70 22.81
N LEU A 46 15.35 39.91 22.76
CA LEU A 46 15.08 40.60 21.51
C LEU A 46 16.38 40.86 20.74
N LYS A 47 16.52 40.24 19.57
CA LYS A 47 17.73 40.43 18.77
C LYS A 47 17.52 41.39 17.60
N GLU A 48 18.43 41.35 16.62
CA GLU A 48 18.37 42.23 15.46
C GLU A 48 19.27 41.67 14.37
N VAL A 49 18.71 41.37 13.20
CA VAL A 49 19.56 40.83 12.14
C VAL A 49 19.16 40.88 10.69
N GLU A 50 20.12 40.41 9.91
CA GLU A 50 20.12 40.28 8.46
C GLU A 50 19.14 39.19 8.03
N PRO A 51 17.91 39.58 7.64
CA PRO A 51 16.90 38.61 7.21
C PRO A 51 17.41 37.50 6.28
N ILE A 52 17.98 37.90 5.14
CA ILE A 52 18.49 36.92 4.20
C ILE A 52 20.01 36.97 4.09
N PRO A 53 20.71 36.06 4.78
CA PRO A 53 22.18 36.03 4.73
C PRO A 53 22.75 36.64 3.45
N LEU A 54 23.67 37.59 3.65
CA LEU A 54 24.33 38.30 2.56
C LEU A 54 25.03 37.34 1.62
N ASP A 55 25.69 36.34 2.18
CA ASP A 55 26.41 35.31 1.41
C ASP A 55 25.50 34.62 0.38
N TRP A 56 24.19 34.71 0.60
CA TRP A 56 23.21 34.10 -0.28
C TRP A 56 23.28 34.65 -1.71
N PRO A 57 23.48 33.77 -2.70
CA PRO A 57 23.59 34.10 -4.13
C PRO A 57 22.47 35.01 -4.60
N SER A 58 22.79 35.98 -5.45
CA SER A 58 21.76 36.89 -5.95
C SER A 58 21.14 36.42 -7.26
N ASP A 59 21.53 35.22 -7.68
CA ASP A 59 20.99 34.63 -8.89
C ASP A 59 20.17 33.39 -8.53
N LEU A 60 20.13 33.07 -7.25
CA LEU A 60 19.39 31.91 -6.80
C LEU A 60 18.09 32.29 -6.10
N THR A 61 16.96 31.81 -6.63
CA THR A 61 15.63 32.09 -6.06
C THR A 61 14.77 30.84 -5.93
N LEU A 62 14.63 30.34 -4.70
CA LEU A 62 13.83 29.16 -4.42
C LEU A 62 12.42 29.25 -5.01
N PRO A 63 11.90 28.12 -5.51
CA PRO A 63 10.56 28.04 -6.11
C PRO A 63 9.51 28.69 -5.20
N PRO A 64 8.86 29.74 -5.71
CA PRO A 64 7.83 30.46 -4.95
C PRO A 64 6.86 29.53 -4.28
N LEU A 65 6.48 29.85 -3.05
CA LEU A 65 5.54 29.01 -2.33
C LEU A 65 4.14 29.11 -2.96
N PRO A 66 3.19 28.33 -2.42
CA PRO A 66 1.82 28.33 -2.93
C PRO A 66 1.04 29.49 -2.30
N GLU A 67 0.12 30.06 -3.07
CA GLU A 67 -0.64 31.20 -2.60
C GLU A 67 -1.75 30.91 -1.58
N SER A 68 -1.84 29.65 -1.17
CA SER A 68 -2.83 29.21 -0.18
C SER A 68 -2.58 27.74 0.08
N THR A 69 -3.32 27.15 1.00
CA THR A 69 -3.11 25.74 1.28
C THR A 69 -3.72 24.80 0.22
N ASN A 70 -4.56 25.33 -0.66
CA ASN A 70 -5.16 24.51 -1.70
C ASN A 70 -4.71 24.94 -3.09
N ASP A 71 -3.66 25.75 -3.16
CA ASP A 71 -3.16 26.20 -4.44
C ASP A 71 -2.62 25.03 -5.26
N TYR A 72 -3.44 24.56 -6.21
CA TYR A 72 -3.07 23.43 -7.06
C TYR A 72 -2.26 23.77 -8.29
N VAL A 73 -2.15 25.06 -8.60
CA VAL A 73 -1.34 25.46 -9.73
C VAL A 73 0.10 25.20 -9.28
N TRP A 74 0.40 25.70 -8.09
CA TRP A 74 1.72 25.54 -7.49
C TRP A 74 2.04 24.07 -7.31
N ALA A 75 1.00 23.27 -7.05
CA ALA A 75 1.19 21.84 -6.86
C ALA A 75 1.57 21.23 -8.21
N GLY A 76 1.07 21.84 -9.27
CA GLY A 76 1.35 21.38 -10.63
C GLY A 76 2.81 21.58 -10.97
N LYS A 77 3.36 22.73 -10.59
CA LYS A 77 4.77 23.02 -10.85
C LYS A 77 5.60 21.90 -10.24
N ARG A 78 5.43 21.65 -8.94
CA ARG A 78 6.17 20.61 -8.23
C ARG A 78 6.33 19.36 -9.10
N LYS A 79 7.39 19.35 -9.89
CA LYS A 79 7.71 18.26 -10.79
C LYS A 79 7.52 16.92 -10.08
N GLU A 80 8.61 16.43 -9.47
CA GLU A 80 8.69 15.17 -8.73
C GLU A 80 9.63 14.19 -9.43
N GLN A 88 4.84 6.40 -14.31
CA GLN A 88 3.77 6.90 -15.16
C GLN A 88 2.40 6.39 -14.66
N LEU A 89 1.32 7.08 -15.03
CA LEU A 89 -0.01 6.70 -14.59
C LEU A 89 -0.87 6.13 -15.72
N ILE A 90 -1.91 5.39 -15.34
CA ILE A 90 -2.82 4.75 -16.29
C ILE A 90 -4.18 5.44 -16.35
N ILE A 91 -4.40 6.21 -17.42
CA ILE A 91 -5.66 6.93 -17.62
C ILE A 91 -6.70 6.01 -18.29
N ASP A 92 -7.18 5.00 -17.56
CA ASP A 92 -8.16 4.05 -18.07
C ASP A 92 -9.59 4.54 -18.29
N GLY A 93 -10.28 4.89 -17.21
CA GLY A 93 -11.65 5.36 -17.35
C GLY A 93 -12.13 6.07 -16.11
N LEU A 94 -13.40 6.48 -16.08
CA LEU A 94 -13.97 7.19 -14.93
C LEU A 94 -15.17 6.41 -14.38
N SER A 95 -15.00 5.64 -13.30
CA SER A 95 -16.11 4.89 -12.71
C SER A 95 -17.09 5.86 -12.04
N ILE A 96 -18.24 6.06 -12.68
CA ILE A 96 -19.23 6.97 -12.15
C ILE A 96 -20.26 6.30 -11.26
N VAL A 97 -20.24 6.62 -9.96
CA VAL A 97 -21.18 6.03 -9.02
C VAL A 97 -22.42 6.92 -8.84
N ILE A 98 -23.59 6.37 -9.10
CA ILE A 98 -24.80 7.16 -8.94
C ILE A 98 -25.69 6.55 -7.88
N PRO A 99 -25.68 7.12 -6.68
CA PRO A 99 -26.49 6.67 -5.55
C PRO A 99 -27.96 6.87 -5.89
N THR A 100 -28.76 5.81 -5.80
CA THR A 100 -30.17 5.91 -6.11
C THR A 100 -31.13 5.36 -5.05
N TYR A 101 -32.13 6.14 -4.69
CA TYR A 101 -33.16 5.69 -3.76
C TYR A 101 -34.48 6.04 -4.43
N ASN A 102 -35.02 5.06 -5.16
CA ASN A 102 -36.27 5.24 -5.89
C ASN A 102 -36.07 6.25 -7.02
N ARG A 103 -37.07 7.07 -7.30
CA ARG A 103 -36.99 8.05 -8.39
C ARG A 103 -36.40 7.44 -9.68
N ALA A 104 -36.89 6.26 -10.09
CA ALA A 104 -36.36 5.62 -11.28
C ALA A 104 -36.53 6.47 -12.53
N LYS A 105 -37.67 7.15 -12.61
CA LYS A 105 -37.95 7.98 -13.75
C LYS A 105 -36.95 9.13 -13.88
N ILE A 106 -36.24 9.39 -12.79
CA ILE A 106 -35.24 10.45 -12.77
C ILE A 106 -33.85 9.86 -13.06
N LEU A 107 -33.53 8.74 -12.43
CA LEU A 107 -32.25 8.08 -12.65
C LEU A 107 -32.18 7.86 -14.15
N ALA A 108 -33.36 7.63 -14.73
CA ALA A 108 -33.51 7.41 -16.15
C ALA A 108 -32.90 8.61 -16.91
N ILE A 109 -33.46 9.80 -16.69
CA ILE A 109 -32.99 11.04 -17.32
C ILE A 109 -31.48 11.20 -17.13
N THR A 110 -31.06 11.05 -15.88
CA THR A 110 -29.64 11.16 -15.56
C THR A 110 -28.82 10.15 -16.38
N LEU A 111 -29.39 8.97 -16.59
CA LEU A 111 -28.73 7.94 -17.38
C LEU A 111 -28.72 8.34 -18.85
N ALA A 112 -29.76 9.06 -19.26
CA ALA A 112 -29.89 9.52 -20.63
C ALA A 112 -28.81 10.58 -20.86
N CYS A 113 -28.80 11.62 -20.04
CA CYS A 113 -27.80 12.67 -20.18
C CYS A 113 -26.36 12.14 -20.04
N LEU A 114 -26.23 10.87 -19.66
CA LEU A 114 -24.92 10.22 -19.51
C LEU A 114 -24.60 9.43 -20.76
N CYS A 115 -25.60 9.28 -21.62
CA CYS A 115 -25.44 8.58 -22.88
C CYS A 115 -24.93 9.61 -23.88
N ASN A 116 -25.36 10.84 -23.67
CA ASN A 116 -25.00 11.97 -24.51
C ASN A 116 -23.61 12.55 -24.24
N GLN A 117 -22.74 11.77 -23.63
CA GLN A 117 -21.41 12.29 -23.33
C GLN A 117 -20.44 12.34 -24.51
N LYS A 118 -19.94 13.55 -24.77
CA LYS A 118 -18.98 13.76 -25.83
C LYS A 118 -17.61 13.87 -25.17
N THR A 119 -16.94 12.72 -25.04
CA THR A 119 -15.63 12.67 -24.40
C THR A 119 -14.73 11.63 -25.08
N ILE A 120 -13.43 11.68 -24.77
CA ILE A 120 -12.47 10.76 -25.35
C ILE A 120 -12.11 9.67 -24.34
N TYR A 121 -12.73 9.71 -23.17
CA TYR A 121 -12.42 8.73 -22.15
C TYR A 121 -13.46 7.64 -22.02
N ASP A 122 -13.01 6.50 -21.48
CA ASP A 122 -13.86 5.35 -21.22
C ASP A 122 -14.49 5.62 -19.86
N TYR A 123 -15.78 5.38 -19.73
CA TYR A 123 -16.43 5.60 -18.45
C TYR A 123 -17.49 4.58 -18.19
N GLU A 124 -17.54 4.07 -16.95
CA GLU A 124 -18.58 3.11 -16.59
C GLU A 124 -19.52 3.79 -15.62
N VAL A 125 -20.79 3.42 -15.70
CA VAL A 125 -21.80 3.98 -14.85
C VAL A 125 -22.23 2.92 -13.85
N ILE A 126 -22.02 3.21 -12.57
CA ILE A 126 -22.40 2.29 -11.51
C ILE A 126 -23.62 2.77 -10.75
N VAL A 127 -24.80 2.32 -11.16
CA VAL A 127 -26.04 2.70 -10.47
C VAL A 127 -26.06 1.99 -9.11
N ALA A 128 -25.96 2.79 -8.03
CA ALA A 128 -25.92 2.28 -6.67
C ALA A 128 -27.26 2.42 -5.96
N ASP A 129 -27.95 1.29 -5.82
CA ASP A 129 -29.27 1.22 -5.19
C ASP A 129 -29.24 0.87 -3.69
N ASP A 130 -29.65 1.83 -2.88
CA ASP A 130 -29.71 1.67 -1.44
C ASP A 130 -31.13 1.25 -1.06
N GLY A 131 -31.39 -0.04 -1.10
CA GLY A 131 -32.70 -0.56 -0.74
C GLY A 131 -33.92 0.16 -1.27
N SER A 132 -33.99 0.36 -2.58
CA SER A 132 -35.15 1.03 -3.16
C SER A 132 -36.40 0.16 -3.11
N LYS A 133 -37.57 0.80 -3.21
CA LYS A 133 -38.83 0.08 -3.22
C LYS A 133 -39.14 -0.04 -4.70
N GLU A 134 -39.15 1.10 -5.40
CA GLU A 134 -39.42 1.14 -6.84
C GLU A 134 -38.47 0.16 -7.52
N ASN A 135 -38.77 -0.27 -8.73
CA ASN A 135 -37.86 -1.20 -9.36
C ASN A 135 -36.81 -0.49 -10.20
N ILE A 136 -35.61 -0.38 -9.62
CA ILE A 136 -34.47 0.29 -10.25
C ILE A 136 -33.76 -0.53 -11.34
N GLU A 137 -33.63 -1.84 -11.11
CA GLU A 137 -32.97 -2.73 -12.07
C GLU A 137 -33.65 -2.77 -13.42
N GLU A 138 -34.95 -2.47 -13.41
CA GLU A 138 -35.75 -2.46 -14.62
C GLU A 138 -35.17 -1.39 -15.52
N ILE A 139 -35.00 -0.21 -14.94
CA ILE A 139 -34.46 0.95 -15.64
C ILE A 139 -33.10 0.59 -16.21
N VAL A 140 -32.14 0.32 -15.31
CA VAL A 140 -30.78 -0.05 -15.69
C VAL A 140 -30.73 -0.96 -16.89
N ARG A 141 -31.52 -2.04 -16.86
CA ARG A 141 -31.53 -2.99 -17.96
C ARG A 141 -31.87 -2.31 -19.28
N GLU A 142 -32.80 -1.36 -19.22
CA GLU A 142 -33.20 -0.63 -20.41
C GLU A 142 -31.98 0.03 -21.07
N PHE A 143 -31.07 0.55 -20.23
CA PHE A 143 -29.87 1.21 -20.73
C PHE A 143 -28.70 0.28 -21.03
N GLU A 144 -28.76 -0.95 -20.57
CA GLU A 144 -27.65 -1.88 -20.80
C GLU A 144 -27.07 -1.81 -22.20
N SER A 145 -27.90 -1.39 -23.15
CA SER A 145 -27.48 -1.30 -24.56
C SER A 145 -26.85 0.04 -24.96
N LEU A 146 -26.77 1.00 -24.04
CA LEU A 146 -26.21 2.31 -24.35
C LEU A 146 -24.96 2.62 -23.55
N LEU A 147 -25.02 2.31 -22.25
CA LEU A 147 -23.89 2.55 -21.36
C LEU A 147 -23.17 1.28 -20.99
N ASN A 148 -21.96 1.46 -20.48
CA ASN A 148 -21.19 0.33 -20.00
C ASN A 148 -21.59 0.34 -18.53
N ILE A 149 -22.85 0.01 -18.28
CA ILE A 149 -23.49 0.04 -16.97
C ILE A 149 -23.47 -1.21 -16.05
N LYS A 150 -23.36 -0.95 -14.74
CA LYS A 150 -23.31 -1.96 -13.68
C LYS A 150 -24.33 -1.57 -12.62
N TYR A 151 -24.89 -2.55 -11.93
CA TYR A 151 -25.88 -2.30 -10.88
C TYR A 151 -25.56 -2.98 -9.54
N VAL A 152 -25.42 -2.19 -8.49
CA VAL A 152 -25.14 -2.74 -7.16
C VAL A 152 -26.29 -2.41 -6.20
N ARG A 153 -26.68 -3.40 -5.40
CA ARG A 153 -27.78 -3.20 -4.47
C ARG A 153 -27.54 -3.70 -3.05
N GLN A 154 -28.06 -2.94 -2.10
CA GLN A 154 -27.98 -3.29 -0.70
C GLN A 154 -29.42 -3.24 -0.19
N LYS A 155 -29.76 -4.07 0.81
CA LYS A 155 -31.11 -4.09 1.34
C LYS A 155 -31.46 -2.77 2.06
N ASP A 156 -32.76 -2.55 2.28
CA ASP A 156 -33.21 -1.31 2.94
C ASP A 156 -33.08 -1.36 4.45
N TYR A 157 -32.23 -0.51 4.99
CA TYR A 157 -32.08 -0.44 6.42
C TYR A 157 -31.85 1.02 6.80
N GLY A 158 -32.73 1.88 6.27
CA GLY A 158 -32.65 3.30 6.56
C GLY A 158 -32.15 4.20 5.45
N TYR A 159 -31.50 5.29 5.86
CA TYR A 159 -30.91 6.28 4.97
C TYR A 159 -29.40 5.96 4.97
N GLN A 160 -28.93 5.23 3.96
CA GLN A 160 -27.52 4.83 3.93
C GLN A 160 -26.66 5.34 2.81
N LEU A 161 -26.86 6.59 2.39
CA LEU A 161 -26.09 7.18 1.29
C LEU A 161 -24.59 6.93 1.41
N CYS A 162 -24.04 7.19 2.58
CA CYS A 162 -22.60 6.98 2.76
C CYS A 162 -22.27 5.53 2.47
N ALA A 163 -23.12 4.64 2.97
CA ALA A 163 -22.96 3.19 2.79
C ALA A 163 -23.05 2.76 1.33
N VAL A 164 -24.03 3.33 0.61
CA VAL A 164 -24.23 3.00 -0.79
C VAL A 164 -23.13 3.64 -1.64
N ARG A 165 -22.73 4.85 -1.27
CA ARG A 165 -21.66 5.54 -1.98
C ARG A 165 -20.48 4.61 -1.95
N ASN A 166 -20.26 4.00 -0.80
CA ASN A 166 -19.15 3.10 -0.61
C ASN A 166 -19.20 1.85 -1.49
N LEU A 167 -20.40 1.32 -1.71
CA LEU A 167 -20.57 0.11 -2.52
C LEU A 167 -20.06 0.34 -3.93
N GLY A 168 -20.58 1.40 -4.52
CA GLY A 168 -20.19 1.75 -5.87
C GLY A 168 -18.70 1.97 -5.97
N LEU A 169 -18.19 2.86 -5.12
CA LEU A 169 -16.78 3.15 -5.11
C LEU A 169 -15.97 1.88 -4.91
N ARG A 170 -16.54 0.92 -4.20
CA ARG A 170 -15.87 -0.37 -3.98
C ARG A 170 -15.93 -1.14 -5.30
N ALA A 171 -17.12 -1.14 -5.89
CA ALA A 171 -17.33 -1.83 -7.15
C ALA A 171 -16.59 -1.17 -8.32
N ALA A 172 -16.34 0.14 -8.22
CA ALA A 172 -15.63 0.87 -9.25
C ALA A 172 -14.32 0.16 -9.61
N LYS A 173 -14.09 -0.12 -10.89
CA LYS A 173 -12.89 -0.83 -11.32
C LYS A 173 -11.72 0.04 -11.76
N TYR A 174 -12.00 1.30 -12.11
CA TYR A 174 -10.95 2.22 -12.56
C TYR A 174 -10.16 2.86 -11.43
N ASN A 175 -9.29 3.80 -11.81
CA ASN A 175 -8.46 4.50 -10.85
C ASN A 175 -8.99 5.90 -10.62
N TYR A 176 -10.04 6.25 -11.36
CA TYR A 176 -10.67 7.55 -11.22
C TYR A 176 -12.16 7.34 -11.06
N VAL A 177 -12.69 7.80 -9.93
CA VAL A 177 -14.10 7.68 -9.63
C VAL A 177 -14.71 9.07 -9.69
N ALA A 178 -16.04 9.09 -9.78
CA ALA A 178 -16.81 10.30 -9.82
C ALA A 178 -18.10 9.88 -9.14
N ILE A 179 -18.79 10.82 -8.50
CA ILE A 179 -20.01 10.51 -7.81
C ILE A 179 -21.12 11.44 -8.26
N LEU A 180 -22.31 10.91 -8.42
CA LEU A 180 -23.41 11.71 -8.92
C LEU A 180 -24.73 11.27 -8.28
N ASP A 181 -25.44 12.20 -7.65
CA ASP A 181 -26.73 11.84 -7.08
C ASP A 181 -27.54 11.46 -8.32
N CYS A 182 -28.51 10.58 -8.14
CA CYS A 182 -29.32 10.14 -9.26
C CYS A 182 -30.14 11.25 -9.89
N ASP A 183 -30.26 12.39 -9.22
CA ASP A 183 -31.04 13.53 -9.73
C ASP A 183 -30.16 14.62 -10.31
N MET A 184 -28.86 14.32 -10.43
CA MET A 184 -27.89 15.23 -10.98
C MET A 184 -27.59 14.86 -12.43
N ALA A 185 -28.34 15.45 -13.35
CA ALA A 185 -28.18 15.19 -14.77
C ALA A 185 -26.97 15.94 -15.28
N PRO A 186 -25.91 15.20 -15.65
CA PRO A 186 -24.72 15.88 -16.16
C PRO A 186 -24.94 16.50 -17.53
N ASN A 187 -24.07 17.43 -17.89
CA ASN A 187 -24.18 18.06 -19.18
C ASN A 187 -23.27 17.22 -20.06
N PRO A 188 -23.46 17.30 -21.38
CA PRO A 188 -22.67 16.54 -22.35
C PRO A 188 -21.16 16.55 -22.13
N LEU A 189 -20.64 17.63 -21.57
CA LEU A 189 -19.20 17.73 -21.37
C LEU A 189 -18.67 17.33 -20.02
N TRP A 190 -19.52 16.70 -19.23
CA TRP A 190 -19.20 16.25 -17.87
C TRP A 190 -17.96 15.36 -17.76
N VAL A 191 -18.03 14.16 -18.32
CA VAL A 191 -16.90 13.24 -18.26
C VAL A 191 -15.62 13.87 -18.75
N GLN A 192 -15.62 14.36 -19.99
CA GLN A 192 -14.44 15.01 -20.56
C GLN A 192 -13.82 16.01 -19.60
N SER A 193 -14.63 16.98 -19.15
CA SER A 193 -14.18 18.03 -18.22
C SER A 193 -13.46 17.49 -17.00
N TYR A 194 -14.05 16.50 -16.33
CA TYR A 194 -13.41 15.92 -15.15
C TYR A 194 -12.11 15.19 -15.52
N MET A 195 -12.25 14.22 -16.42
CA MET A 195 -11.12 13.42 -16.85
C MET A 195 -9.91 14.19 -17.38
N GLU A 196 -10.14 15.21 -18.20
CA GLU A 196 -9.04 15.98 -18.79
C GLU A 196 -8.13 16.62 -17.74
N LEU A 197 -8.72 16.94 -16.58
CA LEU A 197 -7.98 17.54 -15.47
C LEU A 197 -7.36 16.46 -14.57
N LEU A 198 -8.07 15.35 -14.38
CA LEU A 198 -7.58 14.24 -13.56
C LEU A 198 -6.39 13.56 -14.24
N ALA A 199 -6.22 13.82 -15.52
CA ALA A 199 -5.14 13.19 -16.29
C ALA A 199 -3.83 13.91 -16.12
N VAL A 200 -3.93 15.20 -15.76
CA VAL A 200 -2.75 16.04 -15.58
C VAL A 200 -2.27 16.02 -14.12
N ASP A 201 -3.20 16.11 -13.18
CA ASP A 201 -2.85 16.07 -11.76
C ASP A 201 -3.86 15.16 -11.05
N ASP A 202 -3.38 14.08 -10.45
CA ASP A 202 -4.28 13.16 -9.77
C ASP A 202 -4.41 13.45 -8.29
N ASN A 203 -3.75 14.51 -7.83
CA ASN A 203 -3.83 14.88 -6.41
C ASN A 203 -4.85 15.99 -6.24
N VAL A 204 -5.83 16.05 -7.13
CA VAL A 204 -6.79 17.10 -7.01
C VAL A 204 -8.22 16.61 -7.24
N ALA A 205 -9.07 16.86 -6.26
CA ALA A 205 -10.47 16.45 -6.30
C ALA A 205 -11.35 17.51 -6.94
N LEU A 206 -11.65 17.32 -8.22
CA LEU A 206 -12.50 18.24 -8.97
C LEU A 206 -13.93 18.29 -8.47
N ILE A 207 -14.44 19.51 -8.27
CA ILE A 207 -15.79 19.75 -7.80
C ILE A 207 -16.57 20.52 -8.87
N GLY A 208 -17.63 19.89 -9.39
CA GLY A 208 -18.45 20.54 -10.40
C GLY A 208 -19.59 21.30 -9.76
N PRO A 209 -20.07 22.38 -10.40
CA PRO A 209 -21.15 23.22 -9.92
C PRO A 209 -22.49 22.62 -10.34
N ARG A 210 -23.58 23.31 -10.03
CA ARG A 210 -24.89 22.79 -10.39
C ARG A 210 -25.94 23.88 -10.57
N LYS A 211 -26.99 23.53 -11.30
CA LYS A 211 -28.12 24.43 -11.56
C LYS A 211 -29.38 23.65 -11.21
N TYR A 212 -30.47 24.34 -10.93
CA TYR A 212 -31.70 23.65 -10.57
C TYR A 212 -32.76 23.71 -11.65
N ILE A 213 -33.20 22.55 -12.11
CA ILE A 213 -34.21 22.49 -13.15
C ILE A 213 -35.36 21.53 -12.84
N ASP A 214 -36.55 21.95 -13.24
CA ASP A 214 -37.79 21.21 -13.05
C ASP A 214 -37.96 20.26 -14.24
N THR A 215 -37.23 19.15 -14.21
CA THR A 215 -37.29 18.18 -15.28
C THR A 215 -38.64 17.41 -15.34
N SER A 216 -39.59 17.83 -14.50
CA SER A 216 -40.89 17.17 -14.40
C SER A 216 -41.71 16.92 -15.66
N LYS A 217 -41.77 17.88 -16.57
CA LYS A 217 -42.58 17.72 -17.79
C LYS A 217 -41.97 16.84 -18.87
N HIS A 218 -40.93 16.06 -18.55
CA HIS A 218 -40.28 15.25 -19.58
C HIS A 218 -40.00 13.85 -19.15
N THR A 219 -39.74 13.01 -20.15
CA THR A 219 -39.41 11.62 -19.92
C THR A 219 -37.96 11.49 -20.37
N TYR A 220 -37.33 10.37 -20.03
CA TYR A 220 -35.94 10.17 -20.39
C TYR A 220 -35.70 10.14 -21.89
N LEU A 221 -36.77 9.88 -22.64
CA LEU A 221 -36.69 9.79 -24.09
C LEU A 221 -36.37 11.14 -24.73
N ASP A 222 -36.90 12.20 -24.15
CA ASP A 222 -36.70 13.56 -24.65
C ASP A 222 -35.21 13.90 -24.70
N PHE A 223 -34.46 13.39 -23.72
CA PHE A 223 -33.04 13.66 -23.62
C PHE A 223 -32.19 12.84 -24.56
N LEU A 224 -32.45 11.55 -24.67
CA LEU A 224 -31.64 10.78 -25.60
C LEU A 224 -31.88 11.39 -26.99
N SER A 225 -33.06 12.00 -27.17
CA SER A 225 -33.41 12.60 -28.45
C SER A 225 -32.72 13.95 -28.63
N GLN A 226 -33.06 14.90 -27.77
CA GLN A 226 -32.49 16.24 -27.80
C GLN A 226 -31.25 16.28 -26.91
N LYS A 227 -30.12 15.83 -27.46
CA LYS A 227 -28.85 15.75 -26.75
C LYS A 227 -28.31 17.07 -26.23
N SER A 228 -29.22 18.01 -26.02
CA SER A 228 -28.87 19.33 -25.51
C SER A 228 -30.00 19.91 -24.67
N LEU A 229 -31.15 19.26 -24.73
CA LEU A 229 -32.35 19.66 -24.01
C LEU A 229 -32.06 19.97 -22.55
N ILE A 230 -31.08 19.26 -21.98
CA ILE A 230 -30.73 19.45 -20.58
C ILE A 230 -30.11 20.81 -20.31
N ASN A 231 -29.49 21.40 -21.32
CA ASN A 231 -28.88 22.71 -21.16
C ASN A 231 -29.87 23.79 -21.50
N GLU A 232 -31.04 23.38 -21.99
CA GLU A 232 -32.09 24.31 -22.39
C GLU A 232 -33.23 24.47 -21.38
N ILE A 233 -33.48 23.44 -20.58
CA ILE A 233 -34.56 23.51 -19.59
C ILE A 233 -34.31 24.61 -18.57
N PRO A 234 -35.29 25.52 -18.42
CA PRO A 234 -35.22 26.65 -17.49
C PRO A 234 -34.94 26.34 -16.03
N GLU A 235 -34.08 27.14 -15.41
CA GLU A 235 -33.72 27.00 -14.01
C GLU A 235 -34.95 27.37 -13.21
N ILE A 236 -35.29 26.57 -12.21
CA ILE A 236 -36.48 26.83 -11.41
C ILE A 236 -36.42 28.16 -10.68
N ILE A 237 -37.56 28.60 -10.17
CA ILE A 237 -37.65 29.84 -9.42
C ILE A 237 -38.04 29.52 -8.00
N THR A 238 -37.56 30.33 -7.06
CA THR A 238 -37.85 30.09 -5.65
C THR A 238 -38.63 31.16 -4.90
N ASN A 239 -39.68 30.73 -4.22
CA ASN A 239 -40.49 31.62 -3.41
C ASN A 239 -39.86 31.75 -2.03
N ASN A 240 -38.93 32.69 -1.88
CA ASN A 240 -38.24 32.94 -0.62
C ASN A 240 -39.06 33.94 0.21
N GLN A 241 -38.99 33.84 1.53
CA GLN A 241 -39.72 34.75 2.41
C GLN A 241 -38.74 35.74 3.04
N VAL A 242 -38.80 37.00 2.60
CA VAL A 242 -37.91 38.05 3.12
C VAL A 242 -38.61 39.04 4.07
N ALA A 243 -38.35 38.86 5.37
CA ALA A 243 -38.94 39.72 6.38
C ALA A 243 -40.42 40.01 6.11
N GLY A 244 -41.26 39.02 6.38
CA GLY A 244 -42.70 39.19 6.20
C GLY A 244 -43.30 39.12 4.80
N LYS A 245 -42.66 39.76 3.82
CA LYS A 245 -43.18 39.73 2.45
C LYS A 245 -42.33 38.84 1.55
N VAL A 246 -43.02 38.13 0.67
CA VAL A 246 -42.42 37.17 -0.26
C VAL A 246 -41.54 37.77 -1.36
N GLU A 247 -40.39 37.16 -1.59
CA GLU A 247 -39.44 37.60 -2.62
C GLU A 247 -38.95 36.37 -3.40
N GLN A 248 -39.46 36.15 -4.60
CA GLN A 248 -38.99 35.01 -5.36
C GLN A 248 -37.83 35.37 -6.26
N ASN A 249 -36.87 34.45 -6.36
CA ASN A 249 -35.69 34.65 -7.18
C ASN A 249 -35.29 33.33 -7.88
N LYS A 250 -34.23 33.37 -8.67
CA LYS A 250 -33.77 32.19 -9.37
C LYS A 250 -32.83 31.39 -8.47
N SER A 251 -33.27 30.27 -7.90
CA SER A 251 -32.41 29.48 -7.02
C SER A 251 -31.11 29.13 -7.73
N VAL A 252 -29.98 29.32 -7.04
CA VAL A 252 -28.69 29.03 -7.65
C VAL A 252 -27.72 28.34 -6.72
N ASP A 253 -26.68 27.75 -7.30
CA ASP A 253 -25.67 27.07 -6.51
C ASP A 253 -24.98 28.14 -5.67
N TRP A 254 -25.23 28.11 -4.37
CA TRP A 254 -24.63 29.11 -3.49
C TRP A 254 -23.12 29.11 -3.53
N ARG A 255 -22.52 28.04 -4.03
CA ARG A 255 -21.07 27.96 -4.09
C ARG A 255 -20.43 28.72 -5.26
N ILE A 256 -21.13 28.80 -6.40
CA ILE A 256 -20.56 29.46 -7.58
C ILE A 256 -20.03 30.85 -7.32
N GLU A 257 -20.72 31.60 -6.47
CA GLU A 257 -20.28 32.93 -6.14
C GLU A 257 -18.87 32.79 -5.58
N HIS A 258 -18.70 31.88 -4.63
CA HIS A 258 -17.43 31.65 -4.01
C HIS A 258 -16.40 31.10 -4.97
N PHE A 259 -16.84 30.39 -6.00
CA PHE A 259 -15.88 29.82 -6.94
C PHE A 259 -15.11 30.88 -7.74
N LYS A 260 -15.82 31.89 -8.24
CA LYS A 260 -15.15 32.93 -9.02
C LYS A 260 -14.29 33.86 -8.16
N ASN A 261 -14.50 33.82 -6.85
CA ASN A 261 -13.74 34.66 -5.93
C ASN A 261 -12.62 33.94 -5.21
N THR A 262 -12.10 32.87 -5.82
CA THR A 262 -11.03 32.11 -5.20
C THR A 262 -10.24 31.42 -6.31
N ASP A 263 -10.60 31.75 -7.55
CA ASP A 263 -9.97 31.18 -8.73
C ASP A 263 -10.22 29.66 -8.71
N ASN A 264 -11.49 29.32 -8.51
CA ASN A 264 -11.93 27.93 -8.42
C ASN A 264 -11.25 27.23 -7.28
N LEU A 265 -11.38 27.86 -6.12
CA LEU A 265 -10.84 27.39 -4.86
C LEU A 265 -9.33 27.25 -4.78
N ARG A 266 -8.60 27.80 -5.76
CA ARG A 266 -7.14 27.70 -5.74
C ARG A 266 -6.56 28.52 -4.59
N LEU A 267 -7.31 29.51 -4.13
CA LEU A 267 -6.88 30.39 -3.06
C LEU A 267 -7.56 30.09 -1.71
N CYS A 268 -8.68 29.37 -1.74
CA CYS A 268 -9.42 29.05 -0.51
C CYS A 268 -8.62 28.16 0.42
N ASN A 269 -8.58 28.50 1.70
CA ASN A 269 -7.83 27.70 2.65
C ASN A 269 -8.68 26.63 3.31
N THR A 270 -9.96 26.59 2.94
CA THR A 270 -10.85 25.58 3.51
C THR A 270 -11.79 25.03 2.42
N PRO A 271 -11.20 24.52 1.32
CA PRO A 271 -11.95 23.96 0.20
C PRO A 271 -12.99 22.91 0.52
N PHE A 272 -12.72 22.07 1.52
CA PHE A 272 -13.70 21.04 1.85
C PHE A 272 -15.10 21.55 2.12
N ARG A 273 -15.23 22.86 2.41
CA ARG A 273 -16.54 23.45 2.69
C ARG A 273 -17.43 23.46 1.46
N PHE A 274 -16.82 23.24 0.30
CA PHE A 274 -17.54 23.25 -0.96
C PHE A 274 -17.63 21.85 -1.55
N PHE A 275 -16.90 20.91 -0.97
CA PHE A 275 -16.96 19.56 -1.48
C PHE A 275 -18.32 18.95 -1.17
N SER A 276 -19.12 18.71 -2.21
CA SER A 276 -20.44 18.10 -2.07
C SER A 276 -20.55 16.88 -2.99
N GLY A 277 -20.47 15.70 -2.40
CA GLY A 277 -20.50 14.45 -3.15
C GLY A 277 -21.58 14.21 -4.18
N GLY A 278 -22.53 15.13 -4.34
CA GLY A 278 -23.58 14.94 -5.32
C GLY A 278 -23.12 15.17 -6.75
N ASN A 279 -21.83 15.43 -6.91
CA ASN A 279 -21.23 15.70 -8.20
C ASN A 279 -19.80 16.15 -7.97
N VAL A 280 -18.88 15.18 -8.00
CA VAL A 280 -17.47 15.42 -7.78
C VAL A 280 -16.71 14.32 -8.49
N ALA A 281 -15.39 14.43 -8.54
CA ALA A 281 -14.57 13.43 -9.18
C ALA A 281 -13.21 13.41 -8.50
N PHE A 282 -12.59 12.25 -8.42
CA PHE A 282 -11.27 12.21 -7.82
C PHE A 282 -10.55 10.91 -8.05
N ALA A 283 -9.26 10.85 -7.71
CA ALA A 283 -8.50 9.63 -7.90
C ALA A 283 -8.87 8.66 -6.78
N LYS A 284 -9.27 7.47 -7.16
CA LYS A 284 -9.68 6.45 -6.20
C LYS A 284 -8.64 6.19 -5.10
N LYS A 285 -7.37 6.41 -5.39
CA LYS A 285 -6.31 6.15 -4.42
C LYS A 285 -6.55 6.83 -3.10
N TRP A 286 -7.21 7.97 -3.16
CA TRP A 286 -7.52 8.77 -2.00
C TRP A 286 -8.44 8.06 -1.03
N LEU A 287 -9.26 7.14 -1.53
CA LEU A 287 -10.17 6.43 -0.65
C LEU A 287 -9.32 5.61 0.30
N PHE A 288 -8.24 5.04 -0.23
CA PHE A 288 -7.35 4.22 0.59
C PHE A 288 -6.41 5.05 1.42
N ARG A 289 -6.36 6.36 1.13
CA ARG A 289 -5.48 7.25 1.88
C ARG A 289 -6.22 8.02 2.96
N ALA A 290 -7.36 8.60 2.60
CA ALA A 290 -8.17 9.37 3.54
C ALA A 290 -9.41 8.62 4.04
N GLY A 291 -9.62 7.43 3.51
CA GLY A 291 -10.77 6.64 3.91
C GLY A 291 -11.97 6.81 3.00
N TRP A 292 -13.11 6.33 3.46
CA TRP A 292 -14.35 6.40 2.69
C TRP A 292 -15.36 7.22 3.46
N PHE A 293 -16.58 7.31 2.94
CA PHE A 293 -17.63 8.08 3.59
C PHE A 293 -18.01 7.49 4.93
N ASP A 294 -18.11 8.35 5.94
CA ASP A 294 -18.44 7.94 7.32
C ASP A 294 -19.89 7.50 7.45
N GLU A 295 -20.06 6.20 7.59
CA GLU A 295 -21.39 5.62 7.71
C GLU A 295 -22.13 5.93 9.03
N GLU A 296 -21.48 6.62 9.94
CA GLU A 296 -22.12 6.97 11.20
C GLU A 296 -23.03 8.18 11.04
N PHE A 297 -22.87 8.88 9.92
CA PHE A 297 -23.66 10.07 9.60
C PHE A 297 -25.13 9.81 9.27
N THR A 298 -26.04 10.60 9.81
CA THR A 298 -27.45 10.39 9.53
C THR A 298 -27.87 11.25 8.34
N HIS A 299 -29.19 11.34 8.11
CA HIS A 299 -29.73 12.14 7.01
C HIS A 299 -29.50 13.65 7.12
N TRP A 300 -29.09 14.14 8.29
CA TRP A 300 -28.86 15.57 8.49
C TRP A 300 -27.61 16.03 7.75
N GLY A 301 -26.74 15.09 7.39
CA GLY A 301 -25.55 15.44 6.65
C GLY A 301 -24.28 15.74 7.43
N GLY A 302 -23.28 16.23 6.70
CA GLY A 302 -21.99 16.55 7.29
C GLY A 302 -20.93 15.64 6.71
N GLU A 303 -21.38 14.52 6.18
CA GLU A 303 -20.50 13.53 5.58
C GLU A 303 -19.67 14.11 4.46
N ASP A 304 -20.23 15.06 3.72
CA ASP A 304 -19.49 15.66 2.63
C ASP A 304 -18.31 16.43 3.19
N ASN A 305 -18.58 17.43 4.02
CA ASN A 305 -17.53 18.23 4.62
C ASN A 305 -16.51 17.34 5.32
N GLU A 306 -16.99 16.45 6.19
CA GLU A 306 -16.11 15.57 6.91
C GLU A 306 -15.22 14.73 5.98
N PHE A 307 -15.77 14.29 4.84
CA PHE A 307 -14.96 13.50 3.90
C PHE A 307 -13.93 14.41 3.25
N GLY A 308 -14.43 15.55 2.74
CA GLY A 308 -13.59 16.53 2.08
C GLY A 308 -12.46 16.95 2.98
N TYR A 309 -12.75 17.07 4.28
CA TYR A 309 -11.74 17.46 5.27
C TYR A 309 -10.60 16.46 5.31
N ARG A 310 -10.94 15.18 5.35
CA ARG A 310 -9.94 14.13 5.42
C ARG A 310 -9.15 14.04 4.14
N LEU A 311 -9.74 14.52 3.06
CA LEU A 311 -9.08 14.53 1.74
C LEU A 311 -7.98 15.59 1.86
N TYR A 312 -8.38 16.70 2.50
CA TYR A 312 -7.53 17.85 2.73
C TYR A 312 -6.43 17.52 3.71
N ARG A 313 -6.79 16.87 4.81
CA ARG A 313 -5.81 16.54 5.82
C ARG A 313 -4.70 15.63 5.31
N GLU A 314 -4.89 15.02 4.14
CA GLU A 314 -3.87 14.13 3.59
C GLU A 314 -3.02 14.81 2.55
N GLY A 315 -3.61 15.83 1.93
CA GLY A 315 -2.87 16.55 0.92
C GLY A 315 -3.57 16.61 -0.41
N CYS A 316 -4.77 16.04 -0.50
CA CYS A 316 -5.48 16.10 -1.77
C CYS A 316 -5.90 17.54 -1.98
N TYR A 317 -5.90 17.99 -3.22
CA TYR A 317 -6.32 19.36 -3.49
C TYR A 317 -7.76 19.42 -3.95
N PHE A 318 -8.30 20.62 -4.05
CA PHE A 318 -9.67 20.80 -4.49
C PHE A 318 -9.71 21.77 -5.64
N ARG A 319 -10.55 21.48 -6.63
CA ARG A 319 -10.67 22.37 -7.77
C ARG A 319 -12.07 22.37 -8.31
N SER A 320 -12.48 23.50 -8.88
CA SER A 320 -13.80 23.66 -9.46
C SER A 320 -13.73 23.57 -10.98
N VAL A 321 -14.70 22.89 -11.57
CA VAL A 321 -14.76 22.71 -13.01
C VAL A 321 -16.11 23.13 -13.51
N GLU A 322 -16.14 24.02 -14.47
CA GLU A 322 -17.39 24.51 -15.03
C GLU A 322 -17.89 23.50 -16.03
N GLY A 323 -16.94 22.75 -16.59
CA GLY A 323 -17.30 21.74 -17.56
C GLY A 323 -18.01 20.59 -16.88
N ALA A 324 -18.05 20.65 -15.55
CA ALA A 324 -18.68 19.60 -14.74
C ALA A 324 -20.08 19.98 -14.26
N MET A 325 -20.65 21.03 -14.85
CA MET A 325 -21.98 21.48 -14.47
C MET A 325 -23.02 20.34 -14.51
N ALA A 326 -23.75 20.17 -13.41
CA ALA A 326 -24.77 19.13 -13.32
C ALA A 326 -26.12 19.79 -13.05
N TYR A 327 -27.19 19.13 -13.46
CA TYR A 327 -28.49 19.69 -13.25
C TYR A 327 -29.27 18.90 -12.24
N HIS A 328 -29.56 19.56 -11.12
CA HIS A 328 -30.30 18.94 -10.05
C HIS A 328 -31.79 19.02 -10.37
N GLN A 329 -32.38 17.86 -10.62
CA GLN A 329 -33.80 17.76 -10.95
C GLN A 329 -34.67 18.01 -9.70
N GLU A 330 -35.54 19.01 -9.77
CA GLU A 330 -36.43 19.38 -8.67
C GLU A 330 -37.24 18.22 -8.10
N PRO A 331 -37.05 17.93 -6.79
CA PRO A 331 -37.77 16.83 -6.12
C PRO A 331 -39.25 17.17 -5.96
N PRO A 332 -40.15 16.22 -6.33
CA PRO A 332 -41.60 16.44 -6.22
C PRO A 332 -42.07 17.23 -4.99
N ASN A 345 -28.56 25.41 7.58
CA ASN A 345 -28.77 26.03 8.88
C ASN A 345 -27.53 25.94 9.77
N ILE A 346 -27.49 24.92 10.64
CA ILE A 346 -26.37 24.73 11.55
C ILE A 346 -25.54 23.47 11.30
N THR A 347 -24.75 23.51 10.23
CA THR A 347 -23.88 22.39 9.89
C THR A 347 -22.73 22.34 10.89
N VAL A 348 -22.34 23.50 11.40
CA VAL A 348 -21.23 23.64 12.35
C VAL A 348 -21.30 22.72 13.57
N GLN A 349 -22.51 22.33 13.96
CA GLN A 349 -22.67 21.45 15.10
C GLN A 349 -22.64 19.98 14.69
N LEU A 350 -22.52 19.74 13.39
CA LEU A 350 -22.45 18.39 12.85
C LEU A 350 -21.00 17.97 12.66
N LEU A 351 -20.17 18.87 12.15
CA LEU A 351 -18.75 18.60 11.95
C LEU A 351 -18.12 18.47 13.33
N GLN A 352 -18.18 19.58 14.06
CA GLN A 352 -17.65 19.71 15.41
C GLN A 352 -16.77 18.56 15.89
N GLN A 353 -17.37 17.38 16.03
CA GLN A 353 -16.69 16.18 16.50
C GLN A 353 -15.62 15.57 15.59
N LYS A 354 -15.91 15.49 14.30
CA LYS A 354 -14.98 14.88 13.36
C LYS A 354 -14.13 15.81 12.48
N VAL A 355 -14.35 17.11 12.60
CA VAL A 355 -13.55 18.07 11.82
C VAL A 355 -13.06 19.19 12.75
N PRO A 356 -11.88 18.98 13.37
CA PRO A 356 -11.23 19.91 14.30
C PRO A 356 -10.72 21.24 13.72
N TYR A 357 -10.00 21.15 12.60
CA TYR A 357 -9.43 22.31 11.92
C TYR A 357 -10.24 23.62 12.01
N PHE A 358 -10.79 24.04 10.89
CA PHE A 358 -11.54 25.28 10.84
C PHE A 358 -12.70 25.43 11.82
N TYR A 359 -13.57 24.43 11.88
CA TYR A 359 -14.79 24.44 12.71
C TYR A 359 -14.75 24.38 14.24
N ARG A 360 -14.00 23.45 14.80
CA ARG A 360 -13.89 23.27 16.25
C ARG A 360 -13.45 24.51 17.04
N LYS A 361 -14.29 24.99 17.94
CA LYS A 361 -13.91 26.15 18.73
C LYS A 361 -13.68 25.70 20.17
N LYS A 362 -12.80 26.39 20.89
CA LYS A 362 -12.44 26.03 22.26
C LYS A 362 -13.54 26.05 23.31
N GLU A 363 -13.58 25.00 24.14
CA GLU A 363 -14.55 24.94 25.22
C GLU A 363 -13.73 25.22 26.49
N LYS A 364 -14.39 25.64 27.57
CA LYS A 364 -13.69 25.89 28.82
C LYS A 364 -13.75 24.64 29.67
N ILE A 365 -12.60 24.30 30.24
CA ILE A 365 -12.43 23.11 31.08
C ILE A 365 -13.72 22.67 31.81
N GLU A 366 -14.46 23.64 32.33
CA GLU A 366 -15.70 23.33 33.02
C GLU A 366 -16.61 22.55 32.11
N SER A 367 -17.01 23.18 31.01
CA SER A 367 -17.89 22.55 30.04
C SER A 367 -17.14 21.82 28.93
N ALA A 368 -15.81 21.89 28.94
CA ALA A 368 -15.01 21.21 27.93
C ALA A 368 -15.15 19.69 28.02
N THR A 369 -15.00 19.01 26.90
CA THR A 369 -15.13 17.56 26.89
C THR A 369 -14.29 16.92 25.78
N LEU A 370 -13.90 15.65 25.98
CA LEU A 370 -13.11 14.92 24.98
C LEU A 370 -13.70 15.00 23.57
N LYS A 371 -12.83 14.82 22.58
CA LYS A 371 -13.23 14.89 21.18
C LYS A 371 -12.94 13.63 20.40
N ARG A 372 -13.89 13.24 19.54
CA ARG A 372 -13.73 12.04 18.72
C ARG A 372 -12.37 12.15 18.01
N VAL A 373 -12.17 13.28 17.35
CA VAL A 373 -10.91 13.58 16.66
C VAL A 373 -10.30 14.80 17.36
N PRO A 374 -9.13 14.62 17.99
CA PRO A 374 -8.47 15.73 18.69
C PRO A 374 -7.95 16.80 17.72
N LEU A 375 -7.96 18.05 18.19
CA LEU A 375 -7.52 19.17 17.40
C LEU A 375 -6.00 19.14 17.28
N VAL A 376 -5.34 18.66 18.34
CA VAL A 376 -3.88 18.59 18.40
C VAL A 376 -3.35 17.18 18.71
N SER A 377 -2.20 16.85 18.13
CA SER A 377 -1.56 15.57 18.35
C SER A 377 -0.08 15.78 18.66
N ILE A 378 0.34 15.44 19.87
CA ILE A 378 1.74 15.59 20.20
C ILE A 378 2.39 14.24 20.04
N TYR A 379 3.22 14.12 19.01
CA TYR A 379 3.90 12.87 18.74
C TYR A 379 5.23 12.89 19.49
N ILE A 380 5.68 11.71 19.89
CA ILE A 380 6.92 11.55 20.67
C ILE A 380 7.76 10.31 20.33
N PRO A 381 8.93 10.49 19.69
CA PRO A 381 9.77 9.32 19.37
C PRO A 381 10.47 8.94 20.68
N ALA A 382 10.28 7.70 21.12
CA ALA A 382 10.87 7.28 22.39
C ALA A 382 11.83 6.10 22.34
N TYR A 383 13.06 6.33 22.78
CA TYR A 383 14.06 5.26 22.84
C TYR A 383 14.85 5.34 24.14
N ASN A 384 14.58 4.41 25.04
CA ASN A 384 15.27 4.32 26.31
C ASN A 384 15.04 5.50 27.22
N CYS A 385 14.01 6.28 26.96
CA CYS A 385 13.72 7.44 27.79
C CYS A 385 13.00 7.01 29.05
N SER A 386 13.62 6.10 29.77
CA SER A 386 13.09 5.54 31.01
C SER A 386 12.44 6.54 31.94
N LYS A 387 13.25 7.18 32.77
CA LYS A 387 12.76 8.14 33.76
C LYS A 387 12.16 9.47 33.30
N TYR A 388 12.65 10.01 32.19
CA TYR A 388 12.14 11.31 31.71
C TYR A 388 10.99 11.24 30.70
N ILE A 389 10.27 10.11 30.69
CA ILE A 389 9.17 9.94 29.74
C ILE A 389 7.79 10.16 30.33
N VAL A 390 7.63 9.92 31.63
CA VAL A 390 6.31 10.13 32.24
C VAL A 390 6.18 11.62 32.54
N ARG A 391 7.31 12.30 32.57
CA ARG A 391 7.37 13.74 32.80
C ARG A 391 7.05 14.38 31.46
N CYS A 392 7.61 13.77 30.41
CA CYS A 392 7.46 14.19 29.02
C CYS A 392 6.02 14.17 28.53
N VAL A 393 5.26 13.16 28.94
CA VAL A 393 3.88 13.04 28.51
C VAL A 393 2.93 13.93 29.30
N GLU A 394 3.18 14.09 30.58
CA GLU A 394 2.29 14.92 31.39
C GLU A 394 2.48 16.40 31.04
N SER A 395 3.65 16.72 30.50
CA SER A 395 3.98 18.09 30.11
C SER A 395 3.12 18.54 28.94
N ALA A 396 2.31 17.64 28.38
CA ALA A 396 1.45 17.96 27.25
C ALA A 396 0.00 17.67 27.60
N LEU A 397 -0.18 16.77 28.57
CA LEU A 397 -1.52 16.42 29.02
C LEU A 397 -1.95 17.58 29.89
N ASN A 398 -0.97 18.25 30.48
CA ASN A 398 -1.19 19.41 31.32
C ASN A 398 -0.91 20.65 30.47
N GLN A 399 -1.82 20.94 29.56
CA GLN A 399 -1.65 22.09 28.68
C GLN A 399 -2.92 22.91 28.67
N THR A 400 -2.76 24.19 28.35
CA THR A 400 -3.90 25.07 28.28
C THR A 400 -4.84 24.54 27.21
N ILE A 401 -4.28 23.89 26.19
CA ILE A 401 -5.11 23.31 25.15
C ILE A 401 -5.41 21.88 25.53
N THR A 402 -6.60 21.71 26.07
CA THR A 402 -7.12 20.46 26.55
C THR A 402 -7.56 19.52 25.40
N ASP A 403 -7.90 20.13 24.26
CA ASP A 403 -8.34 19.40 23.08
C ASP A 403 -7.18 18.81 22.27
N LEU A 404 -6.36 17.98 22.90
CA LEU A 404 -5.23 17.36 22.21
C LEU A 404 -5.01 15.93 22.68
N GLU A 405 -4.06 15.22 22.03
CA GLU A 405 -3.74 13.82 22.35
C GLU A 405 -2.23 13.61 22.26
N VAL A 406 -1.74 12.54 22.87
CA VAL A 406 -0.32 12.23 22.80
C VAL A 406 -0.08 10.83 22.25
N CYS A 407 0.69 10.74 21.16
CA CYS A 407 1.01 9.47 20.51
C CYS A 407 2.49 9.16 20.62
N ILE A 408 2.83 8.10 21.33
CA ILE A 408 4.22 7.73 21.52
C ILE A 408 4.54 6.48 20.71
N CYS A 409 5.78 6.38 20.25
CA CYS A 409 6.22 5.21 19.48
C CYS A 409 7.48 4.61 20.08
N ASP A 410 7.32 3.51 20.82
CA ASP A 410 8.48 2.87 21.42
C ASP A 410 9.37 2.25 20.33
N ASP A 411 10.56 2.81 20.18
CA ASP A 411 11.49 2.32 19.17
C ASP A 411 12.35 1.18 19.71
N GLY A 412 11.69 0.07 20.04
CA GLY A 412 12.39 -1.08 20.56
C GLY A 412 13.32 -0.73 21.70
N SER A 413 12.79 -0.03 22.72
CA SER A 413 13.60 0.34 23.86
C SER A 413 14.21 -0.93 24.40
N THR A 414 15.40 -0.82 24.97
CA THR A 414 16.05 -1.97 25.54
C THR A 414 15.83 -1.86 27.04
N ASP A 415 14.95 -0.95 27.42
CA ASP A 415 14.64 -0.72 28.83
C ASP A 415 13.13 -0.61 29.12
N ASP A 416 12.82 -0.61 30.42
CA ASP A 416 11.47 -0.53 30.96
C ASP A 416 10.51 0.48 30.32
N THR A 417 11.03 1.39 29.51
CA THR A 417 10.22 2.42 28.84
C THR A 417 8.80 1.96 28.52
N LEU A 418 8.69 1.02 27.58
CA LEU A 418 7.39 0.52 27.17
C LEU A 418 6.56 0.06 28.35
N ARG A 419 7.19 -0.67 29.28
CA ARG A 419 6.48 -1.17 30.44
C ARG A 419 5.88 -0.01 31.24
N ILE A 420 6.64 1.08 31.36
CA ILE A 420 6.18 2.25 32.08
C ILE A 420 5.02 2.92 31.37
N LEU A 421 5.13 3.04 30.06
CA LEU A 421 4.06 3.66 29.28
C LEU A 421 2.72 2.99 29.54
N GLN A 422 2.75 1.67 29.75
CA GLN A 422 1.53 0.91 29.98
C GLN A 422 0.95 1.10 31.37
N GLU A 423 1.78 0.91 32.39
CA GLU A 423 1.26 1.07 33.73
C GLU A 423 1.02 2.55 34.03
N HIS A 424 0.91 3.32 32.96
CA HIS A 424 0.65 4.76 33.07
C HIS A 424 -0.41 5.22 32.09
N TYR A 425 -0.31 4.80 30.84
CA TYR A 425 -1.25 5.24 29.80
C TYR A 425 -2.09 4.17 29.09
N ALA A 426 -1.82 2.90 29.37
CA ALA A 426 -2.54 1.79 28.74
C ALA A 426 -4.06 1.98 28.69
N ASN A 427 -4.57 2.92 29.49
CA ASN A 427 -6.01 3.17 29.53
C ASN A 427 -6.33 4.65 29.54
N HIS A 428 -5.32 5.47 29.28
CA HIS A 428 -5.52 6.90 29.28
C HIS A 428 -6.33 7.33 28.05
N PRO A 429 -7.49 7.96 28.26
CA PRO A 429 -8.28 8.37 27.09
C PRO A 429 -7.61 9.39 26.18
N ARG A 430 -6.45 9.91 26.58
CA ARG A 430 -5.77 10.92 25.78
C ARG A 430 -4.35 10.58 25.36
N VAL A 431 -3.90 9.37 25.68
CA VAL A 431 -2.56 8.92 25.32
C VAL A 431 -2.62 7.62 24.54
N ARG A 432 -1.70 7.45 23.58
CA ARG A 432 -1.68 6.23 22.78
C ARG A 432 -0.28 5.92 22.25
N PHE A 433 0.26 4.75 22.59
CA PHE A 433 1.59 4.35 22.12
C PHE A 433 1.59 3.15 21.17
N ILE A 434 2.77 2.81 20.67
CA ILE A 434 2.92 1.67 19.77
C ILE A 434 4.38 1.27 19.81
N SER A 435 4.64 -0.02 19.97
CA SER A 435 6.00 -0.53 20.03
C SER A 435 6.41 -1.09 18.68
N GLN A 436 7.69 -1.01 18.39
CA GLN A 436 8.25 -1.51 17.15
C GLN A 436 9.70 -1.88 17.39
N LYS A 437 10.25 -2.76 16.56
CA LYS A 437 11.65 -3.12 16.74
C LYS A 437 12.45 -1.91 16.29
N ASN A 438 13.40 -1.48 17.11
CA ASN A 438 14.23 -0.33 16.81
C ASN A 438 14.67 -0.19 15.35
N LYS A 439 14.37 0.97 14.75
CA LYS A 439 14.71 1.25 13.36
C LYS A 439 15.31 2.64 13.21
N GLY A 440 15.57 3.28 14.34
CA GLY A 440 16.14 4.61 14.30
C GLY A 440 15.14 5.70 14.58
N ILE A 441 15.62 6.94 14.66
CA ILE A 441 14.78 8.09 14.95
C ILE A 441 13.91 8.55 13.75
N GLY A 442 14.44 8.41 12.53
CA GLY A 442 13.69 8.80 11.36
C GLY A 442 12.37 8.05 11.30
N SER A 443 12.45 6.75 11.54
CA SER A 443 11.29 5.87 11.52
C SER A 443 10.36 6.13 12.68
N ALA A 444 10.90 5.94 13.89
CA ALA A 444 10.12 6.14 15.10
C ALA A 444 9.06 7.21 14.89
N SER A 445 9.51 8.35 14.37
CA SER A 445 8.64 9.48 14.10
C SER A 445 7.53 9.13 13.12
N ASN A 446 7.90 8.77 11.89
CA ASN A 446 6.90 8.41 10.88
C ASN A 446 5.80 7.59 11.53
N THR A 447 6.20 6.59 12.31
CA THR A 447 5.28 5.72 13.00
C THR A 447 4.37 6.48 13.95
N ALA A 448 4.95 7.37 14.77
CA ALA A 448 4.19 8.14 15.74
C ALA A 448 3.27 9.19 15.09
N VAL A 449 3.79 9.88 14.08
CA VAL A 449 3.00 10.89 13.38
C VAL A 449 1.79 10.24 12.74
N ARG A 450 2.01 9.09 12.13
CA ARG A 450 0.95 8.33 11.48
C ARG A 450 -0.11 7.95 12.51
N LEU A 451 0.32 7.84 13.76
CA LEU A 451 -0.55 7.49 14.88
C LEU A 451 -1.50 8.61 15.26
N CYS A 452 -1.10 9.84 14.96
CA CYS A 452 -1.87 11.01 15.29
C CYS A 452 -3.07 11.26 14.40
N ARG A 453 -4.21 11.54 15.03
CA ARG A 453 -5.47 11.77 14.33
C ARG A 453 -5.84 13.24 14.32
N GLY A 454 -4.99 14.08 14.90
CA GLY A 454 -5.28 15.51 14.93
C GLY A 454 -4.68 16.30 13.77
N PHE A 455 -5.15 17.52 13.57
CA PHE A 455 -4.66 18.36 12.48
C PHE A 455 -3.42 19.17 12.83
N TYR A 456 -3.32 19.61 14.07
CA TYR A 456 -2.16 20.35 14.47
C TYR A 456 -1.24 19.42 15.21
N ILE A 457 -0.07 19.21 14.63
CA ILE A 457 0.90 18.29 15.18
C ILE A 457 2.22 18.89 15.64
N GLY A 458 2.56 18.63 16.90
CA GLY A 458 3.79 19.14 17.46
C GLY A 458 4.77 18.06 17.86
N GLN A 459 6.05 18.42 17.94
CA GLN A 459 7.13 17.51 18.31
C GLN A 459 7.60 17.67 19.74
N LEU A 460 7.83 16.54 20.40
CA LEU A 460 8.28 16.54 21.79
C LEU A 460 9.11 15.30 22.02
N ASP A 461 10.44 15.47 22.07
CA ASP A 461 11.29 14.32 22.29
C ASP A 461 11.11 13.74 23.68
N SER A 462 11.53 12.49 23.82
CA SER A 462 11.38 11.72 25.03
C SER A 462 11.88 12.28 26.36
N ASP A 463 13.13 12.76 26.38
CA ASP A 463 13.75 13.30 27.60
C ASP A 463 13.40 14.75 27.96
N ASP A 464 12.90 15.50 27.00
CA ASP A 464 12.54 16.90 27.23
C ASP A 464 11.14 17.02 27.86
N PHE A 465 10.57 18.22 27.76
CA PHE A 465 9.23 18.53 28.25
C PHE A 465 8.87 19.98 27.92
N LEU A 466 7.56 20.23 27.75
CA LEU A 466 7.04 21.54 27.37
C LEU A 466 6.60 22.50 28.47
N GLU A 467 6.09 23.65 28.03
CA GLU A 467 5.59 24.70 28.89
C GLU A 467 4.06 24.71 28.73
N PRO A 468 3.33 24.85 29.84
CA PRO A 468 1.87 24.88 29.93
C PRO A 468 1.04 25.57 28.83
N ASP A 469 1.67 26.40 28.01
CA ASP A 469 0.93 27.11 26.96
C ASP A 469 1.66 27.07 25.63
N ALA A 470 2.63 26.19 25.52
CA ALA A 470 3.41 26.05 24.30
C ALA A 470 2.47 25.82 23.12
N VAL A 471 1.74 24.72 23.19
CA VAL A 471 0.79 24.34 22.14
C VAL A 471 -0.20 25.48 21.90
N GLU A 472 -0.73 26.05 22.97
CA GLU A 472 -1.68 27.15 22.85
C GLU A 472 -1.08 28.30 22.06
N LEU A 473 0.10 28.74 22.44
CA LEU A 473 0.74 29.84 21.76
C LEU A 473 0.86 29.63 20.28
N CYS A 474 1.21 28.41 19.87
CA CYS A 474 1.34 28.11 18.45
C CYS A 474 -0.04 28.12 17.77
N LEU A 475 -1.01 27.57 18.48
CA LEU A 475 -2.36 27.49 17.97
C LEU A 475 -2.96 28.84 17.59
N ASP A 476 -2.52 29.91 18.25
CA ASP A 476 -3.04 31.23 17.95
C ASP A 476 -2.45 31.73 16.64
N GLU A 477 -1.22 31.30 16.37
CA GLU A 477 -0.54 31.69 15.15
C GLU A 477 -1.09 30.98 13.91
N PHE A 478 -1.58 29.76 14.08
CA PHE A 478 -2.15 29.03 12.94
C PHE A 478 -3.48 29.67 12.57
N ARG A 479 -4.22 30.08 13.59
CA ARG A 479 -5.54 30.71 13.42
C ARG A 479 -5.46 32.04 12.70
N LYS A 480 -4.36 32.77 12.88
CA LYS A 480 -4.19 34.06 12.20
C LYS A 480 -3.97 33.81 10.71
N ASP A 481 -2.96 32.99 10.39
CA ASP A 481 -2.67 32.69 9.01
C ASP A 481 -2.93 31.21 8.75
N LEU A 482 -4.13 30.92 8.26
CA LEU A 482 -4.50 29.56 7.96
C LEU A 482 -3.73 29.05 6.75
N SER A 483 -2.64 29.72 6.42
CA SER A 483 -1.81 29.32 5.31
C SER A 483 -0.55 28.75 5.91
N LEU A 484 -0.33 29.08 7.18
CA LEU A 484 0.84 28.60 7.91
C LEU A 484 0.95 27.08 7.85
N ALA A 485 2.14 26.60 7.53
CA ALA A 485 2.40 25.16 7.46
C ALA A 485 3.09 24.72 8.73
N CYS A 486 3.80 25.66 9.37
CA CYS A 486 4.56 25.37 10.59
C CYS A 486 4.78 26.60 11.47
N VAL A 487 4.92 26.38 12.78
CA VAL A 487 5.23 27.48 13.71
C VAL A 487 6.07 26.90 14.84
N TYR A 488 7.24 27.51 15.04
CA TYR A 488 8.15 27.07 16.09
C TYR A 488 8.44 28.19 17.08
N THR A 489 8.77 27.78 18.29
CA THR A 489 9.08 28.69 19.38
C THR A 489 10.58 28.60 19.55
N THR A 490 11.05 28.94 20.74
CA THR A 490 12.46 28.83 21.06
C THR A 490 12.47 27.97 22.34
N ASN A 491 13.64 27.69 22.89
CA ASN A 491 13.73 26.85 24.06
C ASN A 491 14.82 27.27 25.03
N ARG A 492 14.97 26.50 26.09
CA ARG A 492 15.99 26.77 27.08
C ARG A 492 16.76 25.47 27.28
N ASN A 493 18.08 25.56 27.27
CA ASN A 493 18.92 24.39 27.47
C ASN A 493 18.84 23.91 28.92
N ILE A 494 18.48 22.64 29.08
CA ILE A 494 18.29 22.06 30.41
C ILE A 494 19.14 20.89 30.86
N ASP A 495 19.34 20.86 32.17
CA ASP A 495 20.09 19.84 32.89
C ASP A 495 19.21 18.58 32.82
N ARG A 496 19.81 17.44 32.50
CA ARG A 496 19.06 16.19 32.45
C ARG A 496 18.18 16.14 33.72
N GLU A 497 18.80 16.52 34.83
CA GLU A 497 18.17 16.56 36.14
C GLU A 497 17.02 17.57 36.15
N GLY A 498 17.07 18.55 35.26
CA GLY A 498 16.01 19.55 35.19
C GLY A 498 16.45 20.99 35.39
N ASN A 499 17.71 21.18 35.78
CA ASN A 499 18.28 22.50 36.05
C ASN A 499 18.54 23.32 34.79
N LEU A 500 18.48 24.66 34.95
CA LEU A 500 18.73 25.57 33.84
C LEU A 500 20.22 25.79 33.62
N ILE A 501 20.61 25.92 32.36
CA ILE A 501 22.02 26.11 32.05
C ILE A 501 22.28 26.88 30.73
N SER A 502 21.23 27.52 30.23
CA SER A 502 21.34 28.32 29.02
C SER A 502 19.97 28.55 28.41
N ASN A 503 19.98 29.38 27.38
CA ASN A 503 18.79 29.68 26.63
C ASN A 503 19.16 29.23 25.24
N GLY A 504 18.24 28.55 24.59
CA GLY A 504 18.52 28.04 23.27
C GLY A 504 18.77 29.09 22.24
N TYR A 505 19.52 28.70 21.21
CA TYR A 505 19.84 29.55 20.09
C TYR A 505 18.50 30.05 19.61
N ASN A 506 18.37 31.36 19.38
CA ASN A 506 17.10 31.89 18.95
C ASN A 506 17.15 32.89 17.82
N TRP A 507 17.14 32.41 16.59
CA TRP A 507 17.15 33.31 15.44
C TRP A 507 15.74 33.90 15.25
N PRO A 508 15.58 35.20 15.57
CA PRO A 508 14.45 36.14 15.57
C PRO A 508 13.36 36.05 14.52
N ILE A 509 13.74 35.99 13.25
CA ILE A 509 12.73 35.94 12.20
C ILE A 509 12.96 34.81 11.22
N TYR A 510 11.87 34.24 10.72
CA TYR A 510 12.00 33.14 9.79
C TYR A 510 11.92 33.55 8.32
N SER A 511 12.68 32.82 7.52
CA SER A 511 12.75 32.98 6.06
C SER A 511 13.32 31.66 5.52
N ARG A 512 12.92 31.26 4.32
CA ARG A 512 13.45 30.01 3.74
C ARG A 512 14.96 30.06 3.51
N GLU A 513 15.44 31.17 2.93
CA GLU A 513 16.87 31.36 2.67
C GLU A 513 17.73 31.09 3.90
N LYS A 514 17.35 31.69 5.02
CA LYS A 514 18.11 31.50 6.25
C LYS A 514 18.05 30.04 6.66
N LEU A 515 16.95 29.37 6.32
CA LEU A 515 16.83 27.96 6.70
C LEU A 515 17.80 27.12 5.88
N THR A 516 17.79 27.31 4.57
CA THR A 516 18.68 26.54 3.70
C THR A 516 20.13 26.98 3.89
N SER A 517 20.40 27.80 4.91
CA SER A 517 21.76 28.25 5.18
C SER A 517 22.21 27.74 6.55
N ALA A 518 21.25 27.66 7.47
CA ALA A 518 21.50 27.18 8.83
C ALA A 518 20.19 26.71 9.45
N MET A 519 20.27 25.68 10.28
CA MET A 519 19.09 25.12 10.95
C MET A 519 18.57 26.08 12.03
N ILE A 520 17.61 26.92 11.66
CA ILE A 520 17.03 27.92 12.56
C ILE A 520 15.68 27.57 13.14
N CYS A 521 15.16 26.38 12.86
CA CYS A 521 13.88 25.97 13.41
C CYS A 521 14.04 25.42 14.82
N HIS A 522 14.29 26.32 15.76
CA HIS A 522 14.48 25.95 17.17
C HIS A 522 13.40 24.97 17.58
N HIS A 523 13.50 24.37 18.76
CA HIS A 523 12.57 23.40 19.01
C HIS A 523 11.55 24.00 19.62
N PHE A 524 10.28 24.06 19.26
CA PHE A 524 9.10 23.21 19.49
C PHE A 524 8.43 23.57 18.38
N ARG A 525 8.03 22.65 17.61
CA ARG A 525 7.61 22.88 16.30
C ARG A 525 6.27 22.47 16.12
N MET A 526 5.53 23.05 15.19
CA MET A 526 4.19 22.54 15.02
C MET A 526 3.80 22.69 13.59
N PHE A 527 3.34 21.59 13.01
CA PHE A 527 2.95 21.58 11.63
C PHE A 527 1.61 20.97 11.35
N THR A 528 1.03 21.52 10.29
CA THR A 528 -0.23 21.13 9.72
C THR A 528 -0.05 19.70 9.19
N ALA A 529 -0.90 18.78 9.63
CA ALA A 529 -0.81 17.40 9.17
C ALA A 529 -0.81 17.38 7.64
N ARG A 530 -1.64 18.24 7.03
CA ARG A 530 -1.72 18.30 5.57
C ARG A 530 -0.37 18.61 4.99
N ALA A 531 0.30 19.57 5.61
CA ALA A 531 1.63 20.01 5.18
C ALA A 531 2.57 18.84 5.28
N TRP A 532 2.51 18.12 6.41
CA TRP A 532 3.39 16.96 6.59
C TRP A 532 3.16 15.94 5.50
N ASN A 533 1.88 15.70 5.20
CA ASN A 533 1.47 14.76 4.16
C ASN A 533 1.90 15.19 2.77
N LEU A 534 2.14 16.48 2.61
CA LEU A 534 2.61 16.97 1.34
C LEU A 534 4.11 16.77 1.28
N THR A 535 4.68 16.06 2.26
CA THR A 535 6.10 15.85 2.22
C THR A 535 6.45 14.37 2.19
N GLU A 536 7.71 14.08 1.91
CA GLU A 536 8.15 12.70 1.84
C GLU A 536 8.31 12.06 3.18
N GLY A 537 7.90 12.79 4.21
CA GLY A 537 7.97 12.27 5.56
C GLY A 537 9.36 12.28 6.17
N PHE A 538 9.49 11.68 7.34
CA PHE A 538 10.76 11.66 8.01
C PHE A 538 11.77 10.87 7.20
N ASN A 539 13.03 11.27 7.32
CA ASN A 539 14.13 10.61 6.63
C ASN A 539 14.61 9.52 7.56
N GLU A 540 14.45 8.27 7.12
CA GLU A 540 14.85 7.13 7.94
C GLU A 540 16.18 6.49 7.59
N SER A 541 17.11 7.25 7.04
CA SER A 541 18.39 6.64 6.72
C SER A 541 19.58 7.46 7.20
N ILE A 542 19.31 8.38 8.13
CA ILE A 542 20.37 9.19 8.69
C ILE A 542 20.39 9.16 10.22
N SER A 543 21.58 9.01 10.76
CA SER A 543 21.83 8.93 12.20
C SER A 543 21.30 10.16 12.94
N ASN A 544 21.35 11.30 12.26
CA ASN A 544 20.91 12.56 12.83
C ASN A 544 20.53 13.51 11.68
N ALA A 545 20.26 14.77 12.01
CA ALA A 545 19.87 15.78 11.02
C ALA A 545 18.46 15.45 10.56
N VAL A 546 17.75 14.71 11.39
CA VAL A 546 16.39 14.31 11.07
C VAL A 546 15.47 15.52 11.12
N ASP A 547 15.61 16.29 12.19
CA ASP A 547 14.82 17.49 12.38
C ASP A 547 14.99 18.47 11.23
N TYR A 548 16.23 18.82 10.93
CA TYR A 548 16.53 19.77 9.87
C TYR A 548 15.92 19.32 8.54
N ASP A 549 16.06 18.04 8.21
CA ASP A 549 15.50 17.53 6.97
C ASP A 549 13.98 17.73 6.93
N MET A 550 13.29 17.15 7.89
CA MET A 550 11.84 17.26 7.99
C MET A 550 11.38 18.70 7.81
N TYR A 551 11.97 19.59 8.62
CA TYR A 551 11.62 21.00 8.60
C TYR A 551 12.12 21.77 7.38
N LEU A 552 13.07 21.20 6.66
CA LEU A 552 13.56 21.86 5.46
C LEU A 552 12.53 21.47 4.43
N LYS A 553 12.06 20.22 4.51
CA LYS A 553 11.06 19.71 3.61
C LYS A 553 9.78 20.52 3.75
N LEU A 554 9.47 20.88 4.99
CA LEU A 554 8.27 21.65 5.30
C LEU A 554 8.30 23.03 4.67
N SER A 555 9.45 23.69 4.72
CA SER A 555 9.62 25.03 4.17
C SER A 555 9.26 25.12 2.69
N GLU A 556 9.33 24.00 2.00
CA GLU A 556 8.99 23.95 0.58
C GLU A 556 7.47 23.89 0.42
N VAL A 557 6.78 23.43 1.44
CA VAL A 557 5.34 23.30 1.38
C VAL A 557 4.60 24.60 1.67
N GLY A 558 5.02 25.33 2.70
CA GLY A 558 4.35 26.56 3.03
C GLY A 558 5.19 27.47 3.91
N PRO A 559 4.65 28.65 4.29
CA PRO A 559 5.38 29.59 5.14
C PRO A 559 5.38 29.14 6.59
N PHE A 560 6.34 29.63 7.35
CA PHE A 560 6.46 29.30 8.75
C PHE A 560 6.26 30.58 9.55
N LYS A 561 6.05 30.43 10.83
CA LYS A 561 5.88 31.57 11.71
C LYS A 561 6.58 31.22 13.00
N HIS A 562 7.44 32.12 13.45
CA HIS A 562 8.18 31.89 14.67
C HIS A 562 7.73 32.81 15.79
N ILE A 563 7.49 32.22 16.95
CA ILE A 563 7.07 32.96 18.12
C ILE A 563 8.34 33.09 18.93
N ASN A 564 8.62 34.28 19.43
CA ASN A 564 9.85 34.46 20.21
C ASN A 564 9.66 34.34 21.71
N LYS A 565 9.26 33.15 22.15
CA LYS A 565 9.05 32.90 23.56
C LYS A 565 9.68 31.54 23.87
N ILE A 566 10.03 31.32 25.14
CA ILE A 566 10.64 30.05 25.52
C ILE A 566 9.56 29.06 25.92
N CYS A 567 9.36 28.04 25.09
CA CYS A 567 8.33 27.05 25.35
C CYS A 567 8.86 25.63 25.44
N TYR A 568 10.15 25.47 25.19
CA TYR A 568 10.70 24.14 25.22
C TYR A 568 11.90 23.99 26.14
N ASN A 569 11.75 23.07 27.08
CA ASN A 569 12.78 22.74 28.03
C ASN A 569 13.46 21.50 27.46
N ARG A 570 14.72 21.64 27.03
CA ARG A 570 15.47 20.54 26.43
C ARG A 570 16.69 20.06 27.22
N VAL A 571 16.76 18.76 27.50
CA VAL A 571 17.92 18.23 28.19
C VAL A 571 19.08 18.53 27.24
N LEU A 572 20.27 18.80 27.77
CA LEU A 572 21.39 19.16 26.91
C LEU A 572 22.35 18.07 26.45
N HIS A 573 22.08 16.81 26.80
CA HIS A 573 22.98 15.72 26.40
C HIS A 573 23.63 15.96 25.05
N SER A 578 30.19 12.15 20.79
CA SER A 578 31.10 12.97 19.99
C SER A 578 32.45 12.27 19.86
N ILE A 579 32.42 10.93 19.89
CA ILE A 579 33.64 10.13 19.78
C ILE A 579 34.22 10.05 18.37
N LYS A 580 35.29 10.81 18.17
CA LYS A 580 36.01 10.92 16.90
C LYS A 580 35.26 10.56 15.63
N LYS A 581 35.39 9.31 15.20
CA LYS A 581 34.74 8.85 13.97
C LYS A 581 33.32 9.35 13.71
N LEU A 582 32.47 9.33 14.74
CA LEU A 582 31.09 9.80 14.59
C LEU A 582 31.07 11.10 13.80
N ASP A 583 31.46 12.19 14.45
CA ASP A 583 31.51 13.53 13.86
C ASP A 583 31.49 13.66 12.33
N ILE A 584 32.33 12.90 11.64
CA ILE A 584 32.38 12.96 10.17
C ILE A 584 30.99 12.69 9.56
N GLN A 585 30.15 11.96 10.28
CA GLN A 585 28.80 11.60 9.86
C GLN A 585 27.90 12.84 9.95
N LYS A 586 27.91 13.47 11.12
CA LYS A 586 27.13 14.66 11.39
C LYS A 586 27.37 15.70 10.31
N GLU A 587 28.62 16.15 10.16
CA GLU A 587 28.96 17.12 9.11
C GLU A 587 28.35 16.56 7.84
N ASN A 588 28.72 15.33 7.52
CA ASN A 588 28.23 14.60 6.34
C ASN A 588 26.74 14.84 6.10
N HIS A 589 25.91 14.35 7.02
CA HIS A 589 24.45 14.49 6.94
C HIS A 589 23.94 15.90 6.74
N PHE A 590 24.42 16.82 7.57
CA PHE A 590 24.02 18.22 7.51
C PHE A 590 23.95 18.73 6.07
N LYS A 591 25.08 18.71 5.37
CA LYS A 591 25.15 19.19 3.98
C LYS A 591 24.29 18.45 2.97
N VAL A 592 24.10 17.14 3.17
CA VAL A 592 23.29 16.34 2.26
C VAL A 592 21.90 16.97 2.23
N VAL A 593 21.32 17.10 3.42
CA VAL A 593 20.02 17.68 3.60
C VAL A 593 19.79 18.87 2.68
N ASN A 594 20.65 19.88 2.78
CA ASN A 594 20.52 21.06 1.95
C ASN A 594 20.58 20.69 0.48
N GLU A 595 21.48 19.77 0.16
CA GLU A 595 21.64 19.33 -1.22
C GLU A 595 20.37 18.62 -1.64
N SER A 596 19.89 17.71 -0.77
CA SER A 596 18.67 16.96 -1.04
C SER A 596 17.58 17.92 -1.45
N LEU A 597 17.70 19.16 -1.00
CA LEU A 597 16.71 20.15 -1.36
C LEU A 597 16.80 20.51 -2.84
N SER A 598 17.36 19.59 -3.62
CA SER A 598 17.48 19.75 -5.07
C SER A 598 16.03 19.63 -5.55
N ARG A 599 15.20 19.11 -4.65
CA ARG A 599 13.78 18.92 -4.86
C ARG A 599 13.24 20.17 -5.55
N LEU A 600 13.69 21.33 -5.06
CA LEU A 600 13.26 22.61 -5.62
C LEU A 600 13.66 22.78 -7.09
N GLY A 601 14.23 21.72 -7.66
CA GLY A 601 14.66 21.76 -9.04
C GLY A 601 15.88 22.63 -9.19
N ILE A 602 16.62 22.79 -8.10
CA ILE A 602 17.82 23.62 -8.10
C ILE A 602 19.06 22.78 -8.36
N LYS A 603 19.68 23.04 -9.51
CA LYS A 603 20.87 22.30 -9.93
C LYS A 603 22.05 23.18 -10.34
N LYS A 604 21.84 24.48 -10.46
CA LYS A 604 22.92 25.39 -10.87
C LYS A 604 23.90 25.76 -9.75
N TYR A 605 23.50 25.50 -8.51
CA TYR A 605 24.36 25.79 -7.38
C TYR A 605 24.63 24.53 -6.57
N LYS A 606 25.20 24.70 -5.38
CA LYS A 606 25.48 23.58 -4.50
C LYS A 606 26.00 24.10 -3.17
N TYR A 607 25.38 23.65 -2.07
CA TYR A 607 25.75 24.07 -0.72
C TYR A 607 26.88 23.20 -0.17
N SER A 608 28.11 23.61 -0.47
CA SER A 608 29.30 22.89 -0.05
C SER A 608 29.88 23.43 1.25
N PRO A 609 30.64 22.58 1.96
CA PRO A 609 31.25 23.03 3.21
C PRO A 609 32.30 24.03 2.77
N LEU A 610 32.78 24.86 3.67
CA LEU A 610 33.82 25.81 3.30
C LEU A 610 35.13 25.31 3.86
N THR A 611 35.02 24.47 4.89
CA THR A 611 36.18 23.90 5.56
C THR A 611 36.16 22.38 5.60
N ASN A 612 37.31 21.79 5.90
CA ASN A 612 37.46 20.34 5.98
C ASN A 612 37.53 19.94 7.45
N LEU A 613 36.76 20.63 8.28
CA LEU A 613 36.72 20.36 9.70
C LEU A 613 35.39 19.70 10.07
N ASN A 614 35.38 18.99 11.19
CA ASN A 614 34.19 18.29 11.65
C ASN A 614 33.09 19.12 12.31
N GLU A 615 33.47 19.99 13.24
CA GLU A 615 32.50 20.82 13.94
C GLU A 615 32.22 22.16 13.27
N CYS A 616 32.89 22.41 12.16
CA CYS A 616 32.68 23.64 11.39
C CYS A 616 31.39 23.53 10.62
N ARG A 617 30.71 24.65 10.44
CA ARG A 617 29.46 24.65 9.69
C ARG A 617 29.48 25.71 8.61
N LYS A 618 30.61 26.43 8.53
CA LYS A 618 30.75 27.46 7.52
C LYS A 618 30.58 26.80 6.17
N TYR A 619 29.76 27.41 5.33
CA TYR A 619 29.47 26.87 3.99
C TYR A 619 29.81 27.87 2.88
N THR A 620 29.80 27.38 1.64
CA THR A 620 30.07 28.21 0.47
C THR A 620 29.19 27.78 -0.70
N TRP A 621 28.56 28.75 -1.36
CA TRP A 621 27.70 28.43 -2.50
C TRP A 621 28.54 28.29 -3.76
N GLU A 622 29.10 27.11 -3.98
CA GLU A 622 29.91 26.88 -5.18
C GLU A 622 29.02 26.53 -6.37
N LYS A 623 29.30 27.21 -7.49
CA LYS A 623 28.54 27.01 -8.72
C LYS A 623 29.01 25.79 -9.50
N ILE A 624 28.08 25.13 -10.18
CA ILE A 624 28.40 23.96 -10.98
C ILE A 624 27.68 23.93 -12.34
N ALA B 1 26.28 -1.81 -42.85
CA ALA B 1 24.84 -1.62 -42.58
C ALA B 1 24.34 -2.68 -41.58
N VAL B 2 25.00 -3.83 -41.53
CA VAL B 2 24.61 -4.92 -40.62
C VAL B 2 24.91 -4.66 -39.12
N ILE B 3 23.99 -5.08 -38.25
CA ILE B 3 24.12 -4.94 -36.78
C ILE B 3 22.74 -5.23 -36.16
N ASP B 4 22.70 -6.07 -35.12
CA ASP B 4 21.42 -6.43 -34.48
C ASP B 4 21.48 -6.92 -33.02
N ILE B 5 20.50 -7.78 -32.68
CA ILE B 5 20.33 -8.38 -31.34
C ILE B 5 21.07 -9.70 -31.13
N ASP B 6 20.35 -10.71 -30.61
CA ASP B 6 20.92 -12.03 -30.35
C ASP B 6 20.17 -13.17 -31.02
N ALA B 7 20.78 -14.36 -30.99
CA ALA B 7 20.27 -15.59 -31.60
C ALA B 7 18.92 -16.12 -31.10
N ALA B 8 18.97 -17.13 -30.25
CA ALA B 8 17.77 -17.76 -29.69
C ALA B 8 16.51 -16.91 -29.84
N THR B 9 16.55 -15.71 -29.27
CA THR B 9 15.40 -14.81 -29.34
C THR B 9 15.01 -14.60 -30.81
N LYS B 10 15.98 -14.21 -31.63
CA LYS B 10 15.76 -13.98 -33.04
C LYS B 10 14.80 -15.04 -33.58
N ILE B 11 15.20 -16.31 -33.46
CA ILE B 11 14.40 -17.45 -33.91
C ILE B 11 12.99 -17.45 -33.35
N MET B 12 12.88 -17.31 -32.03
CA MET B 12 11.58 -17.31 -31.38
C MET B 12 10.69 -16.23 -31.97
N CYS B 13 11.25 -15.06 -32.24
CA CYS B 13 10.47 -13.97 -32.81
C CYS B 13 10.07 -14.30 -34.25
N SER B 14 10.56 -15.43 -34.73
CA SER B 14 10.25 -15.88 -36.09
C SER B 14 9.22 -17.00 -36.05
N ASN B 15 9.59 -18.12 -35.44
CA ASN B 15 8.69 -19.27 -35.35
C ASN B 15 7.29 -18.78 -34.99
N ALA B 16 7.23 -17.56 -34.47
CA ALA B 16 5.98 -16.93 -34.09
C ALA B 16 5.33 -16.26 -35.29
N LYS B 17 6.12 -15.47 -36.03
CA LYS B 17 5.61 -14.77 -37.21
C LYS B 17 4.80 -15.67 -38.14
N ALA B 18 3.96 -15.05 -38.97
CA ALA B 18 3.11 -15.78 -39.91
C ALA B 18 3.67 -15.89 -41.34
N ILE B 19 4.91 -15.42 -41.54
CA ILE B 19 5.60 -15.47 -42.85
C ILE B 19 6.78 -16.45 -42.80
N SER B 20 6.66 -17.54 -43.56
CA SER B 20 7.68 -18.60 -43.63
C SER B 20 9.04 -18.09 -44.07
N LEU B 21 9.98 -18.05 -43.13
CA LEU B 21 11.35 -17.57 -43.38
C LEU B 21 12.18 -18.58 -44.18
N ASN B 22 12.95 -18.07 -45.14
CA ASN B 22 13.79 -18.91 -45.98
C ASN B 22 14.75 -19.67 -45.05
N GLU B 23 14.47 -20.97 -44.91
CA GLU B 23 15.24 -21.86 -44.04
C GLU B 23 16.75 -21.54 -43.99
N VAL B 24 17.26 -20.90 -45.04
CA VAL B 24 18.68 -20.54 -45.08
C VAL B 24 18.98 -19.44 -44.07
N GLU B 25 18.36 -18.28 -44.27
CA GLU B 25 18.53 -17.13 -43.37
C GLU B 25 18.49 -17.67 -41.95
N LYS B 26 17.55 -18.59 -41.72
CA LYS B 26 17.37 -19.21 -40.42
C LYS B 26 18.54 -20.11 -40.00
N ASN B 27 18.68 -21.25 -40.68
CA ASN B 27 19.73 -22.22 -40.39
C ASN B 27 20.99 -21.67 -39.69
N GLU B 28 21.73 -20.83 -40.40
CA GLU B 28 22.96 -20.24 -39.87
C GLU B 28 22.73 -19.72 -38.45
N ILE B 29 21.64 -18.97 -38.26
CA ILE B 29 21.28 -18.44 -36.96
C ILE B 29 21.27 -19.59 -35.94
N ILE B 30 20.74 -20.73 -36.37
CA ILE B 30 20.66 -21.91 -35.52
C ILE B 30 22.05 -22.46 -35.16
N SER B 31 23.00 -22.38 -36.09
CA SER B 31 24.37 -22.84 -35.83
C SER B 31 25.01 -21.87 -34.87
N LYS B 32 24.68 -20.60 -35.05
CA LYS B 32 25.17 -19.54 -34.19
C LYS B 32 24.90 -20.04 -32.78
N TYR B 33 23.61 -20.20 -32.48
CA TYR B 33 23.15 -20.66 -31.18
C TYR B 33 23.87 -21.92 -30.72
N ARG B 34 23.79 -22.99 -31.51
CA ARG B 34 24.43 -24.24 -31.14
C ARG B 34 25.89 -24.06 -30.71
N GLU B 35 26.73 -23.58 -31.60
CA GLU B 35 28.13 -23.40 -31.24
C GLU B 35 28.27 -22.31 -30.17
N ILE B 36 27.36 -21.33 -30.18
CA ILE B 36 27.41 -20.23 -29.21
C ILE B 36 26.91 -20.71 -27.85
N THR B 37 26.34 -21.92 -27.82
CA THR B 37 25.83 -22.47 -26.58
C THR B 37 26.25 -23.93 -26.35
N ALA B 38 27.00 -24.50 -27.29
CA ALA B 38 27.42 -25.89 -27.19
C ALA B 38 28.50 -26.18 -26.15
N LYS B 39 28.82 -25.18 -25.33
CA LYS B 39 29.81 -25.38 -24.28
C LYS B 39 29.16 -25.80 -22.97
N LYS B 40 29.87 -26.60 -22.20
CA LYS B 40 29.35 -27.07 -20.93
C LYS B 40 30.27 -26.72 -19.77
N SER B 41 29.67 -26.44 -18.62
CA SER B 41 30.40 -26.07 -17.41
C SER B 41 31.29 -27.21 -16.92
N GLU B 42 32.58 -26.92 -16.77
CA GLU B 42 33.52 -27.93 -16.30
C GLU B 42 33.33 -28.14 -14.81
N ARG B 43 33.43 -29.39 -14.38
CA ARG B 43 33.26 -29.73 -12.98
C ARG B 43 34.20 -28.87 -12.15
N ALA B 44 33.89 -28.74 -10.87
CA ALA B 44 34.69 -27.93 -9.95
C ALA B 44 35.60 -28.77 -9.09
N GLU B 45 36.75 -28.21 -8.73
CA GLU B 45 37.73 -28.90 -7.90
C GLU B 45 37.04 -29.76 -6.84
N LEU B 46 37.57 -30.96 -6.66
CA LEU B 46 37.01 -31.92 -5.70
C LEU B 46 37.63 -31.80 -4.31
N LYS B 47 36.83 -31.33 -3.34
CA LYS B 47 37.33 -31.17 -1.99
C LYS B 47 36.65 -32.13 -1.02
N GLU B 48 37.35 -32.46 0.05
CA GLU B 48 36.83 -33.38 1.07
C GLU B 48 36.64 -32.63 2.37
N VAL B 49 35.41 -32.62 2.88
CA VAL B 49 35.11 -31.90 4.12
C VAL B 49 34.16 -32.57 5.09
N GLU B 50 33.90 -31.89 6.21
CA GLU B 50 33.00 -32.34 7.27
C GLU B 50 31.73 -31.48 7.21
N PRO B 51 30.65 -32.05 6.66
CA PRO B 51 29.30 -31.47 6.46
C PRO B 51 28.82 -30.35 7.39
N ILE B 52 28.88 -30.58 8.70
CA ILE B 52 28.45 -29.57 9.64
C ILE B 52 29.67 -28.99 10.34
N PRO B 53 29.77 -27.65 10.41
CA PRO B 53 30.92 -27.05 11.09
C PRO B 53 31.05 -27.74 12.43
N LEU B 54 32.23 -28.29 12.69
CA LEU B 54 32.48 -29.01 13.93
C LEU B 54 32.38 -28.13 15.17
N ASP B 55 32.15 -26.84 14.97
CA ASP B 55 32.03 -25.91 16.09
C ASP B 55 30.56 -25.67 16.45
N TRP B 56 29.67 -26.24 15.64
CA TRP B 56 28.24 -26.09 15.85
C TRP B 56 27.77 -26.57 17.22
N PRO B 57 27.11 -25.70 17.97
CA PRO B 57 26.64 -26.07 19.31
C PRO B 57 25.72 -27.29 19.30
N SER B 58 25.99 -28.25 20.18
CA SER B 58 25.19 -29.46 20.29
C SER B 58 23.79 -29.10 20.77
N ASP B 59 23.73 -28.05 21.59
CA ASP B 59 22.47 -27.58 22.14
C ASP B 59 21.86 -26.48 21.28
N LEU B 60 22.19 -26.46 19.99
CA LEU B 60 21.63 -25.48 19.08
C LEU B 60 21.03 -26.29 17.95
N THR B 61 19.72 -26.23 17.82
CA THR B 61 19.03 -26.96 16.76
C THR B 61 18.17 -25.99 15.96
N LEU B 62 18.54 -25.81 14.71
CA LEU B 62 17.86 -24.91 13.77
C LEU B 62 16.42 -25.33 13.47
N PRO B 63 15.45 -24.40 13.65
CA PRO B 63 14.04 -24.73 13.37
C PRO B 63 13.92 -25.45 12.00
N PRO B 64 13.34 -26.66 12.00
CA PRO B 64 13.15 -27.49 10.81
C PRO B 64 12.42 -26.83 9.65
N LEU B 65 12.96 -27.00 8.46
CA LEU B 65 12.35 -26.44 7.26
C LEU B 65 10.98 -27.10 7.11
N PRO B 66 10.14 -26.58 6.21
CA PRO B 66 8.81 -27.16 5.99
C PRO B 66 8.98 -28.52 5.31
N GLU B 67 7.92 -29.32 5.27
CA GLU B 67 7.99 -30.63 4.64
C GLU B 67 7.66 -30.63 3.15
N SER B 68 7.09 -29.52 2.68
CA SER B 68 6.72 -29.33 1.29
C SER B 68 6.54 -27.83 1.12
N THR B 69 6.67 -27.32 -0.10
CA THR B 69 6.50 -25.88 -0.31
C THR B 69 5.19 -25.37 0.25
N ASN B 70 4.17 -26.23 0.31
CA ASN B 70 2.87 -25.83 0.82
C ASN B 70 2.58 -26.39 2.20
N ASP B 71 3.61 -26.46 3.04
CA ASP B 71 3.44 -26.94 4.41
C ASP B 71 2.96 -25.82 5.34
N TYR B 72 1.66 -25.57 5.37
CA TYR B 72 1.09 -24.50 6.21
C TYR B 72 1.22 -24.69 7.72
N VAL B 73 1.63 -25.86 8.15
CA VAL B 73 1.80 -26.15 9.58
C VAL B 73 3.11 -25.53 10.03
N TRP B 74 4.13 -25.70 9.19
CA TRP B 74 5.44 -25.14 9.44
C TRP B 74 5.25 -23.63 9.44
N ALA B 75 4.66 -23.14 8.36
CA ALA B 75 4.41 -21.72 8.22
C ALA B 75 3.74 -21.22 9.47
N GLY B 76 2.77 -21.98 9.94
CA GLY B 76 2.05 -21.60 11.13
C GLY B 76 2.95 -21.26 12.30
N LYS B 77 3.87 -22.16 12.62
CA LYS B 77 4.82 -22.00 13.70
C LYS B 77 5.65 -20.72 13.56
N ARG B 78 6.22 -20.55 12.37
CA ARG B 78 7.03 -19.37 12.05
C ARG B 78 6.34 -18.16 12.67
N LYS B 79 7.05 -17.50 13.60
CA LYS B 79 6.56 -16.33 14.35
C LYS B 79 5.98 -16.77 15.69
N GLN B 88 -2.10 -6.86 15.28
CA GLN B 88 -3.42 -7.51 15.36
C GLN B 88 -4.27 -7.32 14.11
N LEU B 89 -4.73 -8.43 13.54
CA LEU B 89 -5.57 -8.39 12.36
C LEU B 89 -7.02 -8.17 12.72
N ILE B 90 -7.76 -7.56 11.79
CA ILE B 90 -9.18 -7.26 11.96
C ILE B 90 -10.06 -8.38 11.41
N ILE B 91 -10.58 -9.25 12.27
CA ILE B 91 -11.44 -10.31 11.79
C ILE B 91 -12.85 -9.75 11.78
N ASP B 92 -13.20 -9.08 10.68
CA ASP B 92 -14.51 -8.50 10.54
C ASP B 92 -15.56 -9.53 10.16
N GLY B 93 -15.26 -10.34 9.15
CA GLY B 93 -16.20 -11.36 8.72
C GLY B 93 -15.89 -11.96 7.36
N LEU B 94 -16.89 -12.61 6.76
CA LEU B 94 -16.71 -13.24 5.46
C LEU B 94 -17.53 -12.60 4.36
N SER B 95 -16.88 -12.26 3.26
CA SER B 95 -17.58 -11.70 2.11
C SER B 95 -17.66 -12.85 1.11
N ILE B 96 -18.88 -13.35 0.87
CA ILE B 96 -19.10 -14.47 -0.06
C ILE B 96 -19.58 -14.02 -1.43
N VAL B 97 -18.70 -14.09 -2.41
CA VAL B 97 -19.09 -13.70 -3.74
C VAL B 97 -19.70 -14.91 -4.45
N ILE B 98 -20.98 -14.83 -4.78
CA ILE B 98 -21.67 -15.93 -5.46
C ILE B 98 -21.94 -15.63 -6.94
N PRO B 99 -21.06 -16.10 -7.86
CA PRO B 99 -21.19 -15.89 -9.31
C PRO B 99 -22.48 -16.54 -9.83
N THR B 100 -23.38 -15.74 -10.39
CA THR B 100 -24.65 -16.26 -10.88
C THR B 100 -24.93 -15.97 -12.35
N TYR B 101 -25.62 -16.91 -13.01
CA TYR B 101 -26.04 -16.79 -14.42
C TYR B 101 -27.29 -17.62 -14.63
N ASN B 102 -28.43 -17.06 -14.23
CA ASN B 102 -29.72 -17.73 -14.33
C ASN B 102 -29.74 -18.75 -13.20
N ARG B 103 -30.42 -19.88 -13.39
CA ARG B 103 -30.49 -20.88 -12.31
C ARG B 103 -31.00 -20.20 -11.07
N ALA B 104 -31.88 -19.23 -11.29
CA ALA B 104 -32.47 -18.45 -10.21
C ALA B 104 -33.07 -19.34 -9.17
N LYS B 105 -33.55 -20.51 -9.57
CA LYS B 105 -34.14 -21.38 -8.57
C LYS B 105 -33.04 -22.03 -7.74
N ILE B 106 -31.94 -22.39 -8.39
CA ILE B 106 -30.84 -23.00 -7.69
C ILE B 106 -30.25 -21.98 -6.70
N LEU B 107 -30.06 -20.74 -7.16
CA LEU B 107 -29.51 -19.69 -6.31
C LEU B 107 -30.32 -19.62 -5.03
N ALA B 108 -31.64 -19.57 -5.20
CA ALA B 108 -32.57 -19.50 -4.08
C ALA B 108 -32.25 -20.59 -3.07
N ILE B 109 -32.02 -21.81 -3.56
CA ILE B 109 -31.69 -22.93 -2.68
C ILE B 109 -30.33 -22.72 -2.00
N THR B 110 -29.37 -22.21 -2.77
CA THR B 110 -28.03 -21.94 -2.24
C THR B 110 -28.14 -20.88 -1.15
N LEU B 111 -28.83 -19.80 -1.49
CA LEU B 111 -29.02 -18.72 -0.54
C LEU B 111 -29.72 -19.25 0.70
N ALA B 112 -30.69 -20.13 0.49
CA ALA B 112 -31.43 -20.72 1.60
C ALA B 112 -30.45 -21.45 2.52
N CYS B 113 -29.47 -22.12 1.93
CA CYS B 113 -28.50 -22.83 2.74
C CYS B 113 -27.61 -21.90 3.56
N LEU B 114 -27.29 -20.73 3.00
CA LEU B 114 -26.46 -19.73 3.67
C LEU B 114 -27.24 -19.11 4.83
N CYS B 115 -28.55 -19.25 4.80
CA CYS B 115 -29.39 -18.72 5.87
C CYS B 115 -29.22 -19.63 7.09
N ASN B 116 -29.02 -20.92 6.82
CA ASN B 116 -28.88 -21.94 7.84
C ASN B 116 -27.45 -22.13 8.34
N GLN B 117 -26.61 -21.12 8.11
CA GLN B 117 -25.22 -21.21 8.55
C GLN B 117 -25.12 -21.04 10.05
N LYS B 118 -24.43 -21.97 10.70
CA LYS B 118 -24.22 -21.93 12.13
C LYS B 118 -22.78 -21.50 12.39
N THR B 119 -22.62 -20.21 12.64
CA THR B 119 -21.31 -19.64 12.88
C THR B 119 -21.36 -18.44 13.81
N ILE B 120 -20.19 -18.00 14.24
CA ILE B 120 -20.09 -16.85 15.13
C ILE B 120 -19.60 -15.62 14.37
N TYR B 121 -18.81 -15.82 13.33
CA TYR B 121 -18.32 -14.68 12.57
C TYR B 121 -19.42 -14.01 11.73
N ASP B 122 -19.30 -12.71 11.51
CA ASP B 122 -20.27 -11.98 10.71
C ASP B 122 -20.01 -12.24 9.24
N TYR B 123 -21.06 -12.27 8.43
CA TYR B 123 -20.83 -12.50 7.01
C TYR B 123 -21.81 -11.79 6.09
N GLU B 124 -21.43 -11.67 4.82
CA GLU B 124 -22.28 -11.02 3.84
C GLU B 124 -22.30 -11.82 2.55
N VAL B 125 -23.42 -11.73 1.84
CA VAL B 125 -23.61 -12.44 0.59
C VAL B 125 -23.76 -11.51 -0.63
N ILE B 126 -22.73 -11.50 -1.48
CA ILE B 126 -22.77 -10.69 -2.67
C ILE B 126 -23.09 -11.58 -3.85
N VAL B 127 -24.24 -11.35 -4.46
CA VAL B 127 -24.64 -12.13 -5.62
C VAL B 127 -24.06 -11.48 -6.88
N ALA B 128 -23.07 -12.13 -7.48
CA ALA B 128 -22.47 -11.60 -8.70
C ALA B 128 -23.21 -12.15 -9.94
N ASP B 129 -23.98 -11.30 -10.60
CA ASP B 129 -24.76 -11.70 -11.77
C ASP B 129 -24.11 -11.32 -13.13
N ASP B 130 -23.60 -12.30 -13.87
CA ASP B 130 -22.96 -12.02 -15.16
C ASP B 130 -23.88 -12.04 -16.39
N GLY B 131 -24.88 -11.16 -16.41
CA GLY B 131 -25.76 -11.11 -17.56
C GLY B 131 -26.93 -12.07 -17.58
N SER B 132 -27.48 -12.38 -16.40
CA SER B 132 -28.63 -13.29 -16.33
C SER B 132 -29.83 -12.71 -17.05
N LYS B 133 -30.54 -13.59 -17.75
CA LYS B 133 -31.74 -13.22 -18.48
C LYS B 133 -32.87 -13.20 -17.46
N GLU B 134 -32.85 -14.22 -16.61
CA GLU B 134 -33.85 -14.40 -15.56
C GLU B 134 -33.80 -13.29 -14.53
N ASN B 135 -34.82 -13.22 -13.67
CA ASN B 135 -34.85 -12.17 -12.67
C ASN B 135 -34.16 -12.57 -11.37
N ILE B 136 -32.82 -12.43 -11.37
CA ILE B 136 -32.01 -12.73 -10.19
C ILE B 136 -32.35 -11.75 -9.08
N GLU B 137 -32.55 -10.48 -9.45
CA GLU B 137 -32.87 -9.48 -8.47
C GLU B 137 -34.03 -9.98 -7.62
N GLU B 138 -35.06 -10.52 -8.26
CA GLU B 138 -36.21 -11.02 -7.53
C GLU B 138 -35.80 -11.97 -6.43
N ILE B 139 -34.94 -12.93 -6.75
CA ILE B 139 -34.49 -13.89 -5.75
C ILE B 139 -33.75 -13.20 -4.61
N VAL B 140 -32.79 -12.34 -4.96
CA VAL B 140 -32.03 -11.59 -3.96
C VAL B 140 -33.00 -10.84 -3.08
N ARG B 141 -33.81 -10.01 -3.72
CA ARG B 141 -34.80 -9.17 -3.07
C ARG B 141 -35.71 -9.96 -2.15
N GLU B 142 -35.78 -11.26 -2.42
CA GLU B 142 -36.62 -12.14 -1.62
C GLU B 142 -35.89 -12.47 -0.32
N PHE B 143 -34.59 -12.78 -0.43
CA PHE B 143 -33.79 -13.13 0.74
C PHE B 143 -33.27 -11.97 1.55
N GLU B 144 -33.83 -10.77 1.33
CA GLU B 144 -33.38 -9.59 2.05
C GLU B 144 -33.53 -9.64 3.56
N SER B 145 -34.66 -10.13 4.05
CA SER B 145 -34.92 -10.19 5.49
C SER B 145 -34.42 -11.47 6.11
N LEU B 146 -33.23 -11.89 5.72
CA LEU B 146 -32.67 -13.12 6.24
C LEU B 146 -31.17 -13.11 6.11
N LEU B 147 -30.69 -12.49 5.04
CA LEU B 147 -29.25 -12.42 4.76
C LEU B 147 -28.82 -11.00 4.47
N ASN B 148 -27.60 -10.65 4.83
CA ASN B 148 -27.10 -9.34 4.48
C ASN B 148 -26.67 -9.64 3.08
N ILE B 149 -27.57 -9.41 2.16
CA ILE B 149 -27.31 -9.71 0.79
C ILE B 149 -27.19 -8.47 -0.08
N LYS B 150 -26.06 -8.38 -0.77
CA LYS B 150 -25.83 -7.29 -1.71
C LYS B 150 -25.97 -8.03 -3.03
N TYR B 151 -26.38 -7.31 -4.06
CA TYR B 151 -26.54 -7.89 -5.38
C TYR B 151 -25.85 -7.02 -6.41
N VAL B 152 -24.90 -7.57 -7.15
CA VAL B 152 -24.24 -6.79 -8.19
C VAL B 152 -24.56 -7.33 -9.59
N ARG B 153 -24.52 -6.47 -10.60
CA ARG B 153 -24.83 -6.90 -11.95
C ARG B 153 -24.09 -6.16 -13.06
N GLN B 154 -23.63 -6.91 -14.05
CA GLN B 154 -22.95 -6.35 -15.22
C GLN B 154 -23.68 -6.92 -16.43
N LYS B 155 -23.60 -6.26 -17.57
CA LYS B 155 -24.31 -6.76 -18.75
C LYS B 155 -23.80 -8.09 -19.31
N ASP B 156 -24.59 -8.66 -20.20
CA ASP B 156 -24.23 -9.92 -20.83
C ASP B 156 -23.28 -9.67 -21.97
N TYR B 157 -21.99 -9.73 -21.71
CA TYR B 157 -21.04 -9.56 -22.79
C TYR B 157 -20.30 -10.88 -22.94
N GLY B 158 -21.08 -11.97 -22.90
CA GLY B 158 -20.54 -13.31 -23.05
C GLY B 158 -20.39 -14.09 -21.77
N TYR B 159 -19.43 -15.00 -21.77
CA TYR B 159 -19.14 -15.84 -20.60
C TYR B 159 -18.05 -15.14 -19.82
N GLN B 160 -18.43 -14.25 -18.91
CA GLN B 160 -17.44 -13.52 -18.15
C GLN B 160 -17.42 -13.96 -16.70
N LEU B 161 -17.00 -15.19 -16.43
CA LEU B 161 -16.97 -15.66 -15.05
C LEU B 161 -16.00 -14.82 -14.22
N CYS B 162 -14.73 -14.82 -14.61
CA CYS B 162 -13.72 -14.05 -13.91
C CYS B 162 -14.16 -12.59 -13.74
N ALA B 163 -14.66 -12.00 -14.82
CA ALA B 163 -15.10 -10.63 -14.75
C ALA B 163 -15.94 -10.47 -13.51
N VAL B 164 -17.10 -11.13 -13.51
CA VAL B 164 -18.07 -11.07 -12.43
C VAL B 164 -17.52 -11.42 -11.03
N ARG B 165 -16.67 -12.44 -10.98
CA ARG B 165 -16.07 -12.83 -9.70
C ARG B 165 -15.37 -11.61 -9.12
N ASN B 166 -14.63 -10.89 -9.98
CA ASN B 166 -13.90 -9.69 -9.58
C ASN B 166 -14.84 -8.59 -9.15
N LEU B 167 -15.88 -8.32 -9.93
CA LEU B 167 -16.84 -7.28 -9.59
C LEU B 167 -17.26 -7.47 -8.15
N GLY B 168 -17.69 -8.69 -7.85
CA GLY B 168 -18.14 -9.02 -6.50
C GLY B 168 -17.03 -8.88 -5.49
N LEU B 169 -15.87 -9.48 -5.76
CA LEU B 169 -14.74 -9.39 -4.85
C LEU B 169 -14.40 -7.93 -4.58
N ARG B 170 -14.56 -7.08 -5.58
CA ARG B 170 -14.30 -5.67 -5.40
C ARG B 170 -15.30 -5.13 -4.38
N ALA B 171 -16.56 -5.54 -4.54
CA ALA B 171 -17.63 -5.11 -3.66
C ALA B 171 -17.53 -5.69 -2.26
N ALA B 172 -16.73 -6.75 -2.09
CA ALA B 172 -16.58 -7.35 -0.77
C ALA B 172 -16.17 -6.23 0.18
N LYS B 173 -16.75 -6.21 1.39
CA LYS B 173 -16.42 -5.16 2.37
C LYS B 173 -15.62 -5.67 3.59
N TYR B 174 -15.45 -6.97 3.71
CA TYR B 174 -14.70 -7.54 4.82
C TYR B 174 -13.29 -7.87 4.37
N ASN B 175 -12.43 -8.23 5.31
CA ASN B 175 -11.03 -8.55 4.99
C ASN B 175 -10.80 -9.99 4.54
N TYR B 176 -11.89 -10.76 4.54
CA TYR B 176 -11.84 -12.15 4.14
C TYR B 176 -12.95 -12.39 3.15
N VAL B 177 -12.63 -13.11 2.08
CA VAL B 177 -13.62 -13.41 1.05
C VAL B 177 -13.80 -14.92 0.84
N ALA B 178 -14.81 -15.25 0.06
CA ALA B 178 -15.14 -16.63 -0.28
C ALA B 178 -15.95 -16.61 -1.57
N ILE B 179 -15.75 -17.63 -2.41
CA ILE B 179 -16.46 -17.73 -3.67
C ILE B 179 -17.29 -19.01 -3.68
N LEU B 180 -18.46 -18.95 -4.28
CA LEU B 180 -19.35 -20.11 -4.30
C LEU B 180 -20.26 -20.10 -5.55
N ASP B 181 -19.96 -20.93 -6.55
CA ASP B 181 -20.80 -21.00 -7.76
C ASP B 181 -22.25 -20.98 -7.33
N CYS B 182 -23.09 -20.25 -8.05
CA CYS B 182 -24.50 -20.14 -7.71
C CYS B 182 -25.18 -21.45 -7.27
N ASP B 183 -24.76 -22.57 -7.84
CA ASP B 183 -25.35 -23.86 -7.51
C ASP B 183 -24.61 -24.67 -6.43
N MET B 184 -23.70 -24.05 -5.71
CA MET B 184 -22.94 -24.76 -4.67
C MET B 184 -23.56 -24.62 -3.26
N ALA B 185 -24.64 -25.35 -2.99
CA ALA B 185 -25.29 -25.30 -1.69
C ALA B 185 -24.33 -25.70 -0.58
N PRO B 186 -23.89 -24.72 0.25
CA PRO B 186 -22.96 -24.96 1.35
C PRO B 186 -23.60 -25.70 2.52
N ASN B 187 -22.80 -26.49 3.23
CA ASN B 187 -23.29 -27.22 4.39
C ASN B 187 -23.42 -26.21 5.54
N PRO B 188 -24.20 -26.53 6.58
CA PRO B 188 -24.43 -25.66 7.73
C PRO B 188 -23.19 -25.15 8.48
N LEU B 189 -22.11 -25.92 8.48
CA LEU B 189 -20.89 -25.49 9.16
C LEU B 189 -19.83 -24.96 8.19
N TRP B 190 -20.27 -24.34 7.10
CA TRP B 190 -19.38 -23.81 6.06
C TRP B 190 -18.60 -22.55 6.46
N VAL B 191 -19.33 -21.45 6.62
CA VAL B 191 -18.76 -20.16 7.00
C VAL B 191 -17.80 -20.29 8.19
N GLN B 192 -18.24 -21.05 9.19
CA GLN B 192 -17.46 -21.29 10.39
C GLN B 192 -16.15 -22.01 10.10
N SER B 193 -16.26 -23.13 9.40
CA SER B 193 -15.08 -23.92 9.07
C SER B 193 -14.00 -23.10 8.38
N TYR B 194 -14.41 -22.03 7.69
CA TYR B 194 -13.46 -21.18 7.00
C TYR B 194 -12.88 -20.15 7.93
N MET B 195 -13.73 -19.33 8.52
CA MET B 195 -13.25 -18.29 9.42
C MET B 195 -12.40 -18.88 10.54
N GLU B 196 -12.82 -20.01 11.09
CA GLU B 196 -12.04 -20.65 12.15
C GLU B 196 -10.54 -20.69 11.81
N LEU B 197 -10.23 -21.10 10.59
CA LEU B 197 -8.86 -21.20 10.13
C LEU B 197 -8.27 -19.87 9.67
N LEU B 198 -9.10 -19.07 8.96
CA LEU B 198 -8.70 -17.77 8.42
C LEU B 198 -8.25 -16.77 9.50
N ALA B 199 -8.88 -16.84 10.67
CA ALA B 199 -8.55 -15.94 11.77
C ALA B 199 -7.24 -16.27 12.43
N VAL B 200 -6.81 -17.52 12.34
CA VAL B 200 -5.56 -17.93 12.97
C VAL B 200 -4.37 -17.73 12.07
N ASP B 201 -4.58 -17.89 10.77
CA ASP B 201 -3.52 -17.73 9.79
C ASP B 201 -4.14 -17.30 8.46
N ASP B 202 -4.01 -16.02 8.13
CA ASP B 202 -4.59 -15.51 6.89
C ASP B 202 -3.67 -15.62 5.69
N ASN B 203 -2.54 -16.33 5.84
CA ASN B 203 -1.61 -16.51 4.72
C ASN B 203 -1.85 -17.82 3.99
N VAL B 204 -2.91 -18.51 4.36
CA VAL B 204 -3.24 -19.76 3.69
C VAL B 204 -4.66 -19.65 3.18
N ALA B 205 -4.85 -20.05 1.91
CA ALA B 205 -6.15 -20.01 1.26
C ALA B 205 -6.82 -21.36 1.44
N LEU B 206 -8.10 -21.36 1.79
CA LEU B 206 -8.83 -22.60 2.02
C LEU B 206 -9.66 -23.16 0.85
N ILE B 207 -9.38 -24.43 0.50
CA ILE B 207 -10.06 -25.11 -0.59
C ILE B 207 -11.16 -26.02 -0.05
N GLY B 208 -12.37 -25.89 -0.59
CA GLY B 208 -13.48 -26.71 -0.14
C GLY B 208 -13.85 -27.88 -1.05
N PRO B 209 -14.25 -29.02 -0.47
CA PRO B 209 -14.64 -30.24 -1.18
C PRO B 209 -16.12 -30.18 -1.55
N ARG B 210 -16.49 -30.90 -2.61
CA ARG B 210 -17.87 -30.89 -3.07
C ARG B 210 -18.53 -32.28 -3.15
N LYS B 211 -19.80 -32.28 -3.56
CA LYS B 211 -20.61 -33.48 -3.75
C LYS B 211 -21.73 -33.10 -4.69
N TYR B 212 -22.00 -33.97 -5.66
CA TYR B 212 -23.06 -33.70 -6.61
C TYR B 212 -24.35 -34.30 -6.11
N ILE B 213 -25.44 -33.54 -6.22
CA ILE B 213 -26.73 -34.02 -5.78
C ILE B 213 -27.82 -33.54 -6.71
N ASP B 214 -29.01 -34.11 -6.54
CA ASP B 214 -30.21 -33.79 -7.32
C ASP B 214 -31.00 -32.77 -6.52
N THR B 215 -31.39 -31.67 -7.14
CA THR B 215 -32.11 -30.67 -6.36
C THR B 215 -33.53 -30.29 -6.85
N SER B 216 -33.80 -30.55 -8.13
CA SER B 216 -35.09 -30.23 -8.75
C SER B 216 -36.32 -30.52 -7.90
N LYS B 217 -36.34 -31.70 -7.29
CA LYS B 217 -37.45 -32.14 -6.45
C LYS B 217 -37.80 -31.17 -5.32
N HIS B 218 -36.93 -30.20 -5.07
CA HIS B 218 -37.17 -29.25 -3.99
C HIS B 218 -37.29 -27.78 -4.40
N THR B 219 -37.62 -26.96 -3.40
CA THR B 219 -37.76 -25.53 -3.57
C THR B 219 -36.92 -24.91 -2.46
N TYR B 220 -36.35 -23.73 -2.70
CA TYR B 220 -35.51 -23.11 -1.70
C TYR B 220 -36.13 -23.14 -0.32
N LEU B 221 -37.46 -23.13 -0.29
CA LEU B 221 -38.17 -23.14 0.98
C LEU B 221 -37.92 -24.37 1.85
N ASP B 222 -37.90 -25.54 1.23
CA ASP B 222 -37.67 -26.77 1.97
C ASP B 222 -36.46 -26.60 2.87
N PHE B 223 -35.38 -26.12 2.28
CA PHE B 223 -34.14 -25.92 2.99
C PHE B 223 -34.21 -24.90 4.10
N LEU B 224 -35.19 -24.02 4.04
CA LEU B 224 -35.30 -23.04 5.10
C LEU B 224 -35.90 -23.65 6.34
N SER B 225 -36.90 -24.51 6.18
CA SER B 225 -37.52 -25.16 7.33
C SER B 225 -36.68 -26.37 7.72
N GLN B 226 -36.40 -27.23 6.74
CA GLN B 226 -35.59 -28.42 6.97
C GLN B 226 -34.10 -28.04 6.94
N LYS B 227 -33.68 -27.24 7.91
CA LYS B 227 -32.31 -26.73 8.05
C LYS B 227 -31.24 -27.80 7.91
N SER B 228 -31.69 -29.04 7.82
CA SER B 228 -30.79 -30.15 7.70
C SER B 228 -31.32 -31.08 6.63
N LEU B 229 -31.21 -30.67 5.37
CA LEU B 229 -31.71 -31.48 4.26
C LEU B 229 -30.63 -31.61 3.20
N ILE B 230 -29.93 -30.52 2.99
CA ILE B 230 -28.87 -30.46 2.00
C ILE B 230 -27.81 -31.52 2.30
N ASN B 231 -27.79 -31.99 3.55
CA ASN B 231 -26.84 -33.01 4.00
C ASN B 231 -27.35 -34.44 3.79
N GLU B 232 -28.68 -34.58 3.78
CA GLU B 232 -29.35 -35.86 3.61
C GLU B 232 -29.59 -36.26 2.17
N ILE B 233 -29.63 -35.29 1.27
CA ILE B 233 -29.88 -35.59 -0.13
C ILE B 233 -28.74 -36.42 -0.72
N PRO B 234 -29.10 -37.50 -1.44
CA PRO B 234 -28.23 -38.46 -2.12
C PRO B 234 -27.45 -38.00 -3.33
N GLU B 235 -26.19 -38.41 -3.33
CA GLU B 235 -25.25 -38.11 -4.38
C GLU B 235 -25.70 -38.84 -5.63
N ILE B 236 -25.42 -38.26 -6.78
CA ILE B 236 -25.83 -38.83 -8.05
C ILE B 236 -24.63 -39.04 -8.95
N ILE B 237 -24.84 -38.93 -10.26
CA ILE B 237 -23.75 -39.07 -11.23
C ILE B 237 -23.82 -37.86 -12.17
N THR B 238 -22.95 -36.89 -11.91
CA THR B 238 -22.86 -35.65 -12.68
C THR B 238 -22.24 -35.77 -14.06
N ASN B 239 -22.61 -34.85 -14.95
CA ASN B 239 -22.08 -34.81 -16.31
C ASN B 239 -21.19 -33.60 -16.51
N GLN B 248 -16.42 -44.05 -7.21
CA GLN B 248 -17.44 -44.27 -8.22
C GLN B 248 -18.76 -44.79 -7.64
N ASN B 249 -19.66 -45.21 -8.54
CA ASN B 249 -21.00 -45.71 -8.19
C ASN B 249 -21.93 -44.48 -8.22
N LYS B 250 -21.29 -43.31 -8.10
CA LYS B 250 -21.94 -42.01 -8.12
C LYS B 250 -20.85 -41.07 -8.63
N SER B 251 -21.02 -39.77 -8.44
CA SER B 251 -20.00 -38.82 -8.89
C SER B 251 -19.30 -38.21 -7.68
N VAL B 252 -17.97 -38.26 -7.70
CA VAL B 252 -17.19 -37.76 -6.57
C VAL B 252 -16.09 -36.77 -6.91
N ASP B 253 -15.92 -35.79 -6.01
CA ASP B 253 -14.90 -34.76 -6.15
C ASP B 253 -13.53 -35.44 -6.29
N TRP B 254 -13.05 -35.54 -7.53
CA TRP B 254 -11.76 -36.17 -7.83
C TRP B 254 -10.64 -35.67 -6.93
N ARG B 255 -10.74 -34.42 -6.52
CA ARG B 255 -9.75 -33.81 -5.67
C ARG B 255 -9.71 -34.47 -4.29
N ILE B 256 -10.85 -34.97 -3.83
CA ILE B 256 -10.91 -35.58 -2.49
C ILE B 256 -9.90 -36.69 -2.27
N GLU B 257 -9.64 -37.51 -3.29
CA GLU B 257 -8.67 -38.59 -3.12
C GLU B 257 -7.33 -37.98 -2.71
N HIS B 258 -6.92 -36.94 -3.42
CA HIS B 258 -5.66 -36.25 -3.14
C HIS B 258 -5.65 -35.57 -1.77
N PHE B 259 -6.78 -34.96 -1.39
CA PHE B 259 -6.89 -34.27 -0.10
C PHE B 259 -6.52 -35.10 1.12
N LYS B 260 -6.65 -36.42 1.02
CA LYS B 260 -6.35 -37.27 2.17
C LYS B 260 -4.96 -37.91 2.20
N ASN B 261 -4.21 -37.81 1.11
CA ASN B 261 -2.85 -38.37 1.08
C ASN B 261 -1.90 -37.26 1.50
N THR B 262 -1.97 -36.17 0.76
CA THR B 262 -1.15 -35.01 1.00
C THR B 262 -1.49 -34.34 2.32
N ASP B 263 -2.20 -35.03 3.19
CA ASP B 263 -2.56 -34.46 4.48
C ASP B 263 -3.22 -33.09 4.24
N ASN B 264 -4.28 -33.08 3.45
CA ASN B 264 -4.99 -31.84 3.13
C ASN B 264 -4.12 -30.85 2.38
N LEU B 265 -3.25 -31.35 1.51
CA LEU B 265 -2.35 -30.53 0.70
C LEU B 265 -1.07 -30.13 1.41
N ARG B 266 -1.10 -30.17 2.74
CA ARG B 266 0.07 -29.78 3.51
C ARG B 266 1.34 -30.39 2.96
N LEU B 267 1.22 -31.45 2.18
CA LEU B 267 2.39 -32.09 1.62
C LEU B 267 2.48 -31.95 0.11
N CYS B 268 1.50 -31.30 -0.52
CA CYS B 268 1.51 -31.15 -1.98
C CYS B 268 2.41 -30.01 -2.42
N ASN B 269 3.08 -30.15 -3.56
CA ASN B 269 3.96 -29.09 -4.04
C ASN B 269 3.47 -28.33 -5.26
N THR B 270 2.25 -28.65 -5.67
CA THR B 270 1.62 -27.97 -6.79
C THR B 270 0.20 -27.74 -6.36
N PRO B 271 0.01 -27.26 -5.11
CA PRO B 271 -1.32 -27.00 -4.57
C PRO B 271 -2.31 -26.24 -5.43
N PHE B 272 -1.82 -25.44 -6.36
CA PHE B 272 -2.73 -24.65 -7.19
C PHE B 272 -3.63 -25.47 -8.09
N ARG B 273 -3.44 -26.79 -8.10
CA ARG B 273 -4.21 -27.68 -8.96
C ARG B 273 -5.57 -28.09 -8.40
N PHE B 274 -5.81 -27.76 -7.14
CA PHE B 274 -7.06 -28.09 -6.48
C PHE B 274 -7.79 -26.82 -6.06
N PHE B 275 -7.56 -25.74 -6.80
CA PHE B 275 -8.18 -24.46 -6.51
C PHE B 275 -9.45 -24.23 -7.35
N SER B 276 -10.60 -24.14 -6.71
CA SER B 276 -11.88 -23.92 -7.41
C SER B 276 -12.59 -22.65 -6.96
N GLY B 277 -13.06 -21.86 -7.91
CA GLY B 277 -13.76 -20.63 -7.56
C GLY B 277 -15.22 -20.94 -7.24
N GLY B 278 -15.49 -22.22 -6.95
CA GLY B 278 -16.84 -22.63 -6.63
C GLY B 278 -16.97 -22.87 -5.15
N ASN B 279 -15.84 -22.93 -4.46
CA ASN B 279 -15.87 -23.17 -3.04
C ASN B 279 -14.50 -22.90 -2.39
N VAL B 280 -14.19 -21.62 -2.19
CA VAL B 280 -12.92 -21.21 -1.57
C VAL B 280 -13.10 -20.05 -0.61
N ALA B 281 -12.05 -19.81 0.18
CA ALA B 281 -12.01 -18.73 1.14
C ALA B 281 -10.56 -18.28 1.34
N PHE B 282 -10.31 -16.97 1.28
CA PHE B 282 -8.96 -16.48 1.47
C PHE B 282 -8.90 -15.01 1.87
N ALA B 283 -7.72 -14.58 2.32
CA ALA B 283 -7.50 -13.20 2.73
C ALA B 283 -7.56 -12.25 1.52
N LYS B 284 -8.49 -11.31 1.54
CA LYS B 284 -8.64 -10.38 0.42
C LYS B 284 -7.32 -9.73 0.02
N LYS B 285 -6.43 -9.59 0.99
CA LYS B 285 -5.13 -8.97 0.74
C LYS B 285 -4.41 -9.56 -0.46
N TRP B 286 -4.72 -10.81 -0.74
CA TRP B 286 -4.11 -11.53 -1.84
C TRP B 286 -4.56 -11.02 -3.20
N LEU B 287 -5.81 -10.60 -3.30
CA LEU B 287 -6.28 -10.09 -4.57
C LEU B 287 -5.34 -8.96 -4.96
N PHE B 288 -5.10 -8.10 -3.99
CA PHE B 288 -4.23 -6.94 -4.11
C PHE B 288 -2.76 -7.31 -4.28
N ARG B 289 -2.40 -8.54 -3.91
CA ARG B 289 -1.00 -8.98 -4.01
C ARG B 289 -0.64 -9.97 -5.12
N ALA B 290 -1.54 -10.90 -5.47
CA ALA B 290 -1.24 -11.87 -6.53
C ALA B 290 -2.07 -11.55 -7.75
N GLY B 291 -2.81 -10.45 -7.67
CA GLY B 291 -3.65 -10.06 -8.77
C GLY B 291 -5.03 -10.65 -8.59
N TRP B 292 -5.99 -10.16 -9.38
CA TRP B 292 -7.35 -10.64 -9.29
C TRP B 292 -7.50 -11.77 -10.27
N PHE B 293 -8.74 -12.07 -10.64
CA PHE B 293 -8.98 -13.13 -11.60
C PHE B 293 -8.71 -12.56 -12.98
N ASP B 294 -8.06 -13.36 -13.82
CA ASP B 294 -7.69 -12.96 -15.18
C ASP B 294 -8.85 -13.00 -16.21
N GLU B 295 -9.47 -11.84 -16.40
CA GLU B 295 -10.61 -11.70 -17.29
C GLU B 295 -10.40 -12.08 -18.76
N GLU B 296 -9.19 -12.47 -19.09
CA GLU B 296 -8.86 -12.84 -20.47
C GLU B 296 -9.34 -14.25 -20.86
N PHE B 297 -10.09 -14.90 -19.97
CA PHE B 297 -10.58 -16.26 -20.22
C PHE B 297 -11.99 -16.43 -20.86
N THR B 298 -12.29 -17.65 -21.33
CA THR B 298 -13.60 -17.96 -21.96
C THR B 298 -14.32 -19.10 -21.21
N HIS B 299 -15.27 -19.74 -21.91
CA HIS B 299 -16.11 -20.81 -21.33
C HIS B 299 -15.53 -21.82 -20.35
N TRP B 300 -14.21 -21.97 -20.26
CA TRP B 300 -13.77 -22.94 -19.28
C TRP B 300 -12.42 -22.78 -18.61
N GLY B 301 -12.33 -23.48 -17.48
CA GLY B 301 -11.17 -23.53 -16.62
C GLY B 301 -9.97 -22.67 -16.91
N GLY B 302 -8.83 -23.08 -16.36
CA GLY B 302 -7.62 -22.32 -16.55
C GLY B 302 -7.57 -21.22 -15.54
N GLU B 303 -8.68 -20.51 -15.36
CA GLU B 303 -8.71 -19.43 -14.40
C GLU B 303 -8.48 -19.95 -13.01
N ASP B 304 -9.41 -20.75 -12.50
CA ASP B 304 -9.27 -21.33 -11.16
C ASP B 304 -7.84 -21.78 -10.99
N ASN B 305 -7.34 -22.44 -12.02
CA ASN B 305 -6.00 -23.00 -12.04
C ASN B 305 -4.82 -22.02 -12.23
N GLU B 306 -5.07 -20.93 -12.94
CA GLU B 306 -4.04 -19.92 -13.21
C GLU B 306 -3.97 -18.89 -12.07
N PHE B 307 -5.14 -18.56 -11.51
CA PHE B 307 -5.20 -17.60 -10.40
C PHE B 307 -4.52 -18.27 -9.22
N GLY B 308 -4.84 -19.54 -9.04
CA GLY B 308 -4.27 -20.32 -7.96
C GLY B 308 -2.78 -20.34 -8.09
N TYR B 309 -2.28 -20.53 -9.30
CA TYR B 309 -0.85 -20.54 -9.51
C TYR B 309 -0.24 -19.24 -8.97
N ARG B 310 -0.73 -18.10 -9.46
CA ARG B 310 -0.24 -16.81 -9.00
C ARG B 310 -0.22 -16.73 -7.48
N LEU B 311 -1.33 -17.07 -6.84
CA LEU B 311 -1.40 -17.07 -5.38
C LEU B 311 -0.16 -17.82 -4.88
N TYR B 312 0.02 -19.03 -5.39
CA TYR B 312 1.13 -19.87 -5.02
C TYR B 312 2.45 -19.14 -5.14
N ARG B 313 2.64 -18.45 -6.25
CA ARG B 313 3.90 -17.73 -6.45
C ARG B 313 4.08 -16.62 -5.40
N GLU B 314 2.99 -16.04 -4.88
CA GLU B 314 3.15 -14.96 -3.92
C GLU B 314 3.24 -15.40 -2.47
N GLY B 315 3.66 -16.63 -2.28
CA GLY B 315 3.80 -17.17 -0.93
C GLY B 315 2.54 -17.61 -0.22
N CYS B 316 1.43 -17.72 -0.94
CA CYS B 316 0.21 -18.14 -0.31
C CYS B 316 0.26 -19.64 -0.10
N TYR B 317 -0.54 -20.12 0.84
CA TYR B 317 -0.59 -21.53 1.15
C TYR B 317 -1.98 -22.04 0.86
N PHE B 318 -2.07 -23.32 0.51
CA PHE B 318 -3.35 -23.92 0.18
C PHE B 318 -3.72 -25.04 1.15
N ARG B 319 -4.86 -24.88 1.81
CA ARG B 319 -5.32 -25.89 2.76
C ARG B 319 -6.77 -26.26 2.57
N SER B 320 -7.01 -27.52 2.23
CA SER B 320 -8.36 -28.00 2.02
C SER B 320 -9.01 -28.27 3.38
N VAL B 321 -10.16 -27.63 3.59
CA VAL B 321 -10.92 -27.78 4.82
C VAL B 321 -12.01 -28.79 4.51
N GLU B 322 -12.43 -29.55 5.50
CA GLU B 322 -13.48 -30.54 5.30
C GLU B 322 -14.83 -29.90 5.64
N GLY B 323 -14.89 -29.20 6.77
CA GLY B 323 -16.13 -28.56 7.18
C GLY B 323 -16.71 -27.57 6.17
N ALA B 324 -15.99 -27.36 5.08
CA ALA B 324 -16.43 -26.44 4.04
C ALA B 324 -17.08 -27.19 2.87
N MET B 325 -17.62 -28.35 3.18
CA MET B 325 -18.30 -29.15 2.17
C MET B 325 -19.38 -28.30 1.52
N ALA B 326 -19.59 -28.50 0.23
CA ALA B 326 -20.62 -27.79 -0.52
C ALA B 326 -21.26 -28.75 -1.51
N TYR B 327 -22.57 -28.63 -1.69
CA TYR B 327 -23.28 -29.51 -2.60
C TYR B 327 -23.57 -28.92 -3.98
N HIS B 328 -23.06 -29.59 -5.02
CA HIS B 328 -23.25 -29.15 -6.37
C HIS B 328 -24.62 -29.59 -6.90
N GLN B 329 -25.51 -28.62 -7.09
CA GLN B 329 -26.85 -28.88 -7.62
C GLN B 329 -26.81 -29.07 -9.14
N GLU B 330 -27.55 -30.06 -9.64
CA GLU B 330 -27.59 -30.37 -11.07
C GLU B 330 -28.44 -29.44 -11.93
N PRO B 331 -27.82 -28.91 -12.99
CA PRO B 331 -28.43 -27.98 -13.96
C PRO B 331 -29.68 -28.56 -14.62
N PRO B 332 -30.56 -27.69 -15.12
CA PRO B 332 -31.78 -28.15 -15.79
C PRO B 332 -31.49 -28.32 -17.29
N GLY B 333 -32.54 -28.54 -18.10
CA GLY B 333 -32.37 -28.67 -19.53
C GLY B 333 -31.69 -27.43 -20.08
N LYS B 334 -30.37 -27.40 -19.93
CA LYS B 334 -29.50 -26.30 -20.31
C LYS B 334 -28.81 -26.52 -21.67
N LEU B 350 -4.13 -22.79 -23.41
CA LEU B 350 -4.86 -21.76 -22.66
C LEU B 350 -4.04 -21.27 -21.46
N LEU B 351 -3.55 -22.22 -20.66
CA LEU B 351 -2.73 -21.92 -19.48
C LEU B 351 -1.26 -21.78 -19.84
N GLN B 352 -0.70 -22.84 -20.44
CA GLN B 352 0.70 -22.90 -20.88
C GLN B 352 1.31 -21.50 -20.98
N GLN B 353 0.61 -20.61 -21.69
CA GLN B 353 1.05 -19.24 -21.86
C GLN B 353 1.48 -18.56 -20.55
N LYS B 354 0.58 -18.63 -19.57
CA LYS B 354 0.77 -18.00 -18.26
C LYS B 354 1.14 -18.86 -17.05
N VAL B 355 1.57 -20.10 -17.23
CA VAL B 355 1.90 -20.92 -16.07
C VAL B 355 3.09 -21.83 -16.31
N PRO B 356 4.29 -21.41 -15.89
CA PRO B 356 5.44 -22.26 -16.12
C PRO B 356 5.88 -23.30 -15.08
N TYR B 357 5.53 -23.09 -13.81
CA TYR B 357 5.98 -24.01 -12.76
C TYR B 357 5.72 -25.49 -12.95
N PHE B 358 4.52 -25.82 -13.41
CA PHE B 358 4.19 -27.22 -13.59
C PHE B 358 4.02 -27.63 -15.05
N TYR B 359 2.95 -27.14 -15.67
CA TYR B 359 2.60 -27.45 -17.05
C TYR B 359 3.64 -27.17 -18.13
N ARG B 360 4.34 -26.05 -18.03
CA ARG B 360 5.33 -25.65 -19.03
C ARG B 360 6.22 -26.80 -19.51
N LYS B 361 6.30 -26.98 -20.83
CA LYS B 361 7.10 -28.02 -21.46
C LYS B 361 8.34 -27.47 -22.18
N LYS B 362 9.51 -27.80 -21.65
CA LYS B 362 10.76 -27.36 -22.24
C LYS B 362 10.80 -27.72 -23.72
N GLU B 363 10.24 -26.84 -24.56
CA GLU B 363 10.21 -27.13 -25.99
C GLU B 363 11.35 -26.49 -26.77
N LYS B 364 11.94 -27.28 -27.68
CA LYS B 364 13.07 -26.88 -28.51
C LYS B 364 12.99 -25.50 -29.15
N ILE B 365 14.10 -25.08 -29.75
CA ILE B 365 14.23 -23.78 -30.37
C ILE B 365 13.54 -23.61 -31.72
N GLU B 366 13.93 -24.43 -32.70
CA GLU B 366 13.33 -24.34 -34.03
C GLU B 366 11.82 -24.35 -34.02
N SER B 367 11.23 -24.76 -32.91
CA SER B 367 9.78 -24.80 -32.79
C SER B 367 9.37 -24.02 -31.54
N ALA B 368 10.36 -23.39 -30.91
CA ALA B 368 10.15 -22.61 -29.70
C ALA B 368 9.17 -21.46 -29.86
N THR B 369 9.18 -20.55 -28.89
CA THR B 369 8.29 -19.40 -28.90
C THR B 369 8.49 -18.53 -27.66
N LEU B 370 7.83 -17.38 -27.66
CA LEU B 370 7.89 -16.46 -26.54
C LEU B 370 6.66 -16.67 -25.69
N LYS B 371 6.84 -17.28 -24.52
CA LYS B 371 5.71 -17.52 -23.63
C LYS B 371 5.32 -16.20 -23.01
N ARG B 372 4.03 -16.00 -22.81
CA ARG B 372 3.54 -14.78 -22.22
C ARG B 372 4.28 -14.65 -20.91
N VAL B 373 3.93 -15.50 -19.95
CA VAL B 373 4.60 -15.50 -18.65
C VAL B 373 5.85 -16.38 -18.76
N PRO B 374 7.04 -15.81 -18.54
CA PRO B 374 8.27 -16.60 -18.62
C PRO B 374 8.48 -17.63 -17.52
N LEU B 375 9.35 -18.59 -17.78
CA LEU B 375 9.63 -19.61 -16.77
C LEU B 375 10.82 -19.16 -15.92
N VAL B 376 11.74 -18.42 -16.52
CA VAL B 376 12.92 -17.94 -15.81
C VAL B 376 13.18 -16.43 -15.98
N SER B 377 13.72 -15.83 -14.92
CA SER B 377 14.05 -14.41 -14.90
C SER B 377 15.39 -14.17 -14.24
N ILE B 378 16.20 -13.32 -14.87
CA ILE B 378 17.51 -12.96 -14.37
C ILE B 378 17.53 -11.47 -14.03
N TYR B 379 17.80 -11.13 -12.75
CA TYR B 379 17.84 -9.74 -12.33
C TYR B 379 19.27 -9.25 -12.19
N ILE B 380 19.52 -8.03 -12.69
CA ILE B 380 20.85 -7.42 -12.65
C ILE B 380 20.87 -6.04 -12.04
N PRO B 381 21.29 -5.90 -10.78
CA PRO B 381 21.29 -4.53 -10.25
C PRO B 381 22.40 -3.79 -10.95
N ALA B 382 22.04 -2.70 -11.62
CA ALA B 382 23.02 -1.92 -12.38
C ALA B 382 23.36 -0.55 -11.80
N TYR B 383 24.66 -0.27 -11.73
CA TYR B 383 25.14 1.01 -11.25
C TYR B 383 26.51 1.32 -11.82
N ASN B 384 26.52 2.05 -12.93
CA ASN B 384 27.77 2.42 -13.58
C ASN B 384 28.52 1.17 -13.98
N CYS B 385 27.90 0.40 -14.86
CA CYS B 385 28.48 -0.83 -15.35
C CYS B 385 28.51 -0.73 -16.87
N SER B 386 28.37 0.50 -17.36
CA SER B 386 28.36 0.82 -18.79
C SER B 386 29.35 0.02 -19.64
N LYS B 387 30.54 -0.16 -19.11
CA LYS B 387 31.57 -0.89 -19.83
C LYS B 387 31.44 -2.41 -19.82
N TYR B 388 30.61 -2.96 -18.94
CA TYR B 388 30.45 -4.42 -18.86
C TYR B 388 29.00 -4.95 -18.83
N ILE B 389 28.03 -4.11 -19.15
CA ILE B 389 26.63 -4.52 -19.10
C ILE B 389 26.08 -5.32 -20.30
N VAL B 390 26.37 -4.89 -21.52
CA VAL B 390 25.86 -5.61 -22.69
C VAL B 390 26.39 -7.03 -22.65
N ARG B 391 27.64 -7.17 -22.24
CA ARG B 391 28.26 -8.48 -22.15
C ARG B 391 27.49 -9.35 -21.18
N CYS B 392 26.91 -8.71 -20.17
CA CYS B 392 26.13 -9.41 -19.15
C CYS B 392 24.77 -9.86 -19.70
N VAL B 393 23.83 -8.91 -19.78
CA VAL B 393 22.50 -9.21 -20.28
C VAL B 393 22.53 -10.20 -21.40
N GLU B 394 23.40 -9.97 -22.38
CA GLU B 394 23.49 -10.89 -23.49
C GLU B 394 23.62 -12.33 -23.04
N SER B 395 24.63 -12.62 -22.24
CA SER B 395 24.85 -13.99 -21.77
C SER B 395 23.58 -14.67 -21.25
N ALA B 396 22.70 -13.91 -20.62
CA ALA B 396 21.47 -14.49 -20.10
C ALA B 396 20.61 -15.03 -21.24
N LEU B 397 20.49 -14.22 -22.29
CA LEU B 397 19.70 -14.58 -23.46
C LEU B 397 20.34 -15.75 -24.19
N ASN B 398 21.66 -15.70 -24.32
CA ASN B 398 22.40 -16.77 -24.99
C ASN B 398 22.67 -17.88 -23.99
N GLN B 399 21.58 -18.50 -23.53
CA GLN B 399 21.64 -19.60 -22.59
C GLN B 399 21.01 -20.82 -23.21
N THR B 400 21.31 -21.99 -22.64
CA THR B 400 20.75 -23.24 -23.13
C THR B 400 19.25 -23.25 -22.91
N ILE B 401 18.73 -22.22 -22.26
CA ILE B 401 17.31 -22.09 -22.00
C ILE B 401 16.73 -20.96 -22.85
N THR B 402 15.58 -21.23 -23.44
CA THR B 402 14.91 -20.28 -24.32
C THR B 402 13.85 -19.45 -23.59
N ASP B 403 13.17 -20.08 -22.64
CA ASP B 403 12.11 -19.45 -21.85
C ASP B 403 12.74 -18.74 -20.66
N LEU B 404 13.39 -17.63 -20.94
CA LEU B 404 14.08 -16.89 -19.90
C LEU B 404 14.03 -15.41 -20.22
N GLU B 405 14.07 -14.58 -19.18
CA GLU B 405 14.05 -13.14 -19.38
C GLU B 405 15.12 -12.50 -18.54
N VAL B 406 15.36 -11.22 -18.79
CA VAL B 406 16.35 -10.46 -18.04
C VAL B 406 15.70 -9.15 -17.58
N CYS B 407 15.75 -8.90 -16.28
CA CYS B 407 15.17 -7.69 -15.73
C CYS B 407 16.25 -6.87 -15.05
N ILE B 408 16.70 -5.83 -15.73
CA ILE B 408 17.75 -4.98 -15.19
C ILE B 408 17.20 -3.71 -14.56
N CYS B 409 17.80 -3.33 -13.44
CA CYS B 409 17.46 -2.12 -12.70
C CYS B 409 18.71 -1.26 -12.53
N ASP B 410 18.73 -0.14 -13.25
CA ASP B 410 19.83 0.81 -13.19
C ASP B 410 19.59 1.62 -11.93
N ASP B 411 20.47 1.46 -10.95
CA ASP B 411 20.34 2.17 -9.69
C ASP B 411 20.88 3.59 -9.74
N GLY B 412 20.20 4.46 -10.50
CA GLY B 412 20.63 5.83 -10.61
C GLY B 412 22.06 5.95 -11.06
N SER B 413 22.42 5.24 -12.13
CA SER B 413 23.78 5.30 -12.62
C SER B 413 24.14 6.72 -12.99
N THR B 414 25.41 7.05 -12.78
CA THR B 414 25.94 8.36 -13.11
C THR B 414 26.25 8.37 -14.59
N ASP B 415 26.99 7.36 -15.03
CA ASP B 415 27.38 7.26 -16.43
C ASP B 415 26.18 6.96 -17.32
N ASP B 416 26.47 6.57 -18.56
CA ASP B 416 25.44 6.28 -19.56
C ASP B 416 24.83 4.87 -19.56
N THR B 417 25.23 4.05 -18.59
CA THR B 417 24.71 2.69 -18.44
C THR B 417 23.33 2.58 -19.07
N LEU B 418 22.42 3.42 -18.60
CA LEU B 418 21.05 3.46 -19.07
C LEU B 418 20.95 3.54 -20.59
N ARG B 419 21.65 4.48 -21.20
CA ARG B 419 21.61 4.62 -22.65
C ARG B 419 22.00 3.32 -23.33
N ILE B 420 23.09 2.70 -22.88
CA ILE B 420 23.54 1.45 -23.45
C ILE B 420 22.36 0.47 -23.47
N LEU B 421 21.75 0.29 -22.30
CA LEU B 421 20.60 -0.61 -22.11
C LEU B 421 19.45 -0.23 -23.04
N GLN B 422 19.17 1.07 -23.07
CA GLN B 422 18.09 1.59 -23.89
C GLN B 422 18.27 1.19 -25.35
N GLU B 423 19.22 1.81 -26.03
CA GLU B 423 19.45 1.49 -27.44
C GLU B 423 19.87 0.05 -27.69
N HIS B 424 19.79 -0.80 -26.67
CA HIS B 424 20.16 -2.20 -26.83
C HIS B 424 18.97 -3.12 -26.69
N TYR B 425 18.14 -2.84 -25.70
CA TYR B 425 16.99 -3.69 -25.44
C TYR B 425 15.68 -2.95 -25.24
N ALA B 426 15.70 -1.64 -25.45
CA ALA B 426 14.51 -0.82 -25.29
C ALA B 426 13.32 -1.42 -26.03
N ASN B 427 13.61 -2.41 -26.87
CA ASN B 427 12.58 -3.07 -27.65
C ASN B 427 12.73 -4.58 -27.58
N HIS B 428 13.83 -5.03 -27.00
CA HIS B 428 14.05 -6.46 -26.90
C HIS B 428 12.85 -7.17 -26.29
N PRO B 429 12.38 -8.22 -26.97
CA PRO B 429 11.22 -9.02 -26.53
C PRO B 429 11.56 -10.02 -25.42
N ARG B 430 12.70 -9.81 -24.75
CA ARG B 430 13.13 -10.69 -23.67
C ARG B 430 13.88 -9.90 -22.61
N VAL B 431 13.92 -8.59 -22.77
CA VAL B 431 14.61 -7.73 -21.82
C VAL B 431 13.74 -6.56 -21.43
N ARG B 432 13.78 -6.23 -20.14
CA ARG B 432 13.01 -5.13 -19.57
C ARG B 432 13.88 -4.49 -18.49
N PHE B 433 13.96 -3.15 -18.52
CA PHE B 433 14.77 -2.43 -17.53
C PHE B 433 14.03 -1.25 -16.92
N ILE B 434 14.63 -0.67 -15.88
CA ILE B 434 14.05 0.48 -15.18
C ILE B 434 15.13 1.28 -14.45
N SER B 435 14.83 2.56 -14.21
CA SER B 435 15.74 3.47 -13.51
C SER B 435 15.14 4.01 -12.22
N GLN B 436 16.02 4.31 -11.28
CA GLN B 436 15.66 4.87 -9.98
C GLN B 436 16.89 5.56 -9.42
N LYS B 437 16.71 6.60 -8.61
CA LYS B 437 17.87 7.28 -8.04
C LYS B 437 18.67 6.27 -7.23
N ASN B 438 19.99 6.28 -7.41
CA ASN B 438 20.85 5.36 -6.70
C ASN B 438 20.50 5.22 -5.23
N LYS B 439 20.17 4.01 -4.79
CA LYS B 439 19.81 3.80 -3.40
C LYS B 439 20.45 2.59 -2.73
N GLY B 440 21.47 2.04 -3.37
CA GLY B 440 22.16 0.89 -2.81
C GLY B 440 21.83 -0.35 -3.60
N ILE B 441 22.60 -1.42 -3.40
CA ILE B 441 22.36 -2.66 -4.13
C ILE B 441 21.12 -3.40 -3.57
N GLY B 442 20.97 -3.37 -2.25
CA GLY B 442 19.84 -4.03 -1.63
C GLY B 442 18.54 -3.49 -2.18
N SER B 443 18.58 -2.29 -2.75
CA SER B 443 17.38 -1.69 -3.31
C SER B 443 17.19 -2.11 -4.77
N ALA B 444 18.21 -1.90 -5.59
CA ALA B 444 18.11 -2.28 -7.00
C ALA B 444 17.55 -3.69 -7.12
N SER B 445 18.07 -4.59 -6.28
CA SER B 445 17.63 -5.97 -6.27
C SER B 445 16.13 -6.01 -6.04
N ASN B 446 15.73 -5.66 -4.82
CA ASN B 446 14.32 -5.64 -4.45
C ASN B 446 13.47 -5.00 -5.52
N THR B 447 14.10 -4.30 -6.47
CA THR B 447 13.36 -3.65 -7.53
C THR B 447 13.44 -4.44 -8.82
N ALA B 448 14.62 -4.99 -9.09
CA ALA B 448 14.80 -5.80 -10.29
C ALA B 448 13.99 -7.09 -10.12
N VAL B 449 14.21 -7.76 -8.99
CA VAL B 449 13.50 -9.00 -8.66
C VAL B 449 12.01 -8.75 -8.63
N ARG B 450 11.65 -7.59 -8.10
CA ARG B 450 10.25 -7.21 -8.01
C ARG B 450 9.68 -6.98 -9.40
N LEU B 451 10.58 -6.88 -10.38
CA LEU B 451 10.18 -6.66 -11.76
C LEU B 451 10.06 -7.99 -12.49
N CYS B 452 10.93 -8.94 -12.16
CA CYS B 452 10.90 -10.25 -12.79
C CYS B 452 9.48 -10.85 -12.80
N ARG B 453 9.18 -11.68 -13.79
CA ARG B 453 7.87 -12.33 -13.94
C ARG B 453 7.94 -13.85 -13.95
N GLY B 454 9.14 -14.40 -14.13
CA GLY B 454 9.27 -15.84 -14.18
C GLY B 454 9.15 -16.50 -12.82
N PHE B 455 9.16 -17.83 -12.79
CA PHE B 455 9.06 -18.56 -11.54
C PHE B 455 10.42 -18.90 -10.97
N TYR B 456 11.41 -19.07 -11.84
CA TYR B 456 12.76 -19.38 -11.39
C TYR B 456 13.63 -18.14 -11.53
N ILE B 457 14.07 -17.60 -10.41
CA ILE B 457 14.87 -16.39 -10.46
C ILE B 457 16.35 -16.56 -10.14
N GLY B 458 17.18 -15.97 -11.00
CA GLY B 458 18.63 -16.06 -10.83
C GLY B 458 19.30 -14.71 -10.78
N GLN B 459 20.31 -14.59 -9.92
CA GLN B 459 21.05 -13.35 -9.73
C GLN B 459 22.27 -13.25 -10.64
N LEU B 460 22.39 -12.10 -11.29
CA LEU B 460 23.51 -11.86 -12.20
C LEU B 460 24.03 -10.43 -12.07
N ASP B 461 25.21 -10.25 -11.47
CA ASP B 461 25.79 -8.91 -11.30
C ASP B 461 26.25 -8.30 -12.63
N SER B 462 25.95 -7.01 -12.80
CA SER B 462 26.26 -6.28 -14.03
C SER B 462 27.57 -6.61 -14.72
N ASP B 463 28.68 -6.41 -14.02
CA ASP B 463 30.00 -6.66 -14.62
C ASP B 463 30.38 -8.11 -14.83
N ASP B 464 29.54 -9.04 -14.38
CA ASP B 464 29.87 -10.46 -14.55
C ASP B 464 29.13 -11.05 -15.76
N PHE B 465 29.38 -12.34 -15.99
CA PHE B 465 28.73 -13.04 -17.09
C PHE B 465 28.71 -14.54 -16.81
N LEU B 466 27.54 -15.13 -17.01
CA LEU B 466 27.31 -16.55 -16.77
C LEU B 466 27.75 -17.51 -17.87
N GLU B 467 27.68 -18.79 -17.58
CA GLU B 467 28.03 -19.84 -18.54
C GLU B 467 26.75 -20.19 -19.32
N PRO B 468 26.89 -20.57 -20.60
CA PRO B 468 25.76 -20.92 -21.47
C PRO B 468 25.16 -22.30 -21.22
N ASP B 469 24.58 -22.49 -20.04
CA ASP B 469 23.94 -23.75 -19.67
C ASP B 469 23.77 -23.79 -18.15
N ALA B 470 24.05 -22.65 -17.51
CA ALA B 470 23.93 -22.52 -16.06
C ALA B 470 22.47 -22.41 -15.59
N VAL B 471 21.63 -21.80 -16.42
CA VAL B 471 20.22 -21.67 -16.08
C VAL B 471 19.56 -23.02 -16.31
N GLU B 472 20.20 -23.85 -17.13
CA GLU B 472 19.72 -25.18 -17.46
C GLU B 472 20.05 -26.14 -16.33
N LEU B 473 21.31 -26.15 -15.90
CA LEU B 473 21.75 -27.02 -14.81
C LEU B 473 20.86 -26.77 -13.62
N CYS B 474 20.86 -25.53 -13.14
CA CYS B 474 20.04 -25.16 -12.00
C CYS B 474 18.61 -25.61 -12.23
N LEU B 475 18.12 -25.34 -13.44
CA LEU B 475 16.77 -25.70 -13.80
C LEU B 475 16.52 -27.21 -13.64
N ASP B 476 17.54 -28.02 -13.92
CA ASP B 476 17.40 -29.47 -13.81
C ASP B 476 17.17 -29.91 -12.37
N GLU B 477 18.08 -29.50 -11.50
CA GLU B 477 17.98 -29.81 -10.09
C GLU B 477 16.59 -29.47 -9.57
N PHE B 478 16.07 -28.30 -9.95
CA PHE B 478 14.74 -27.88 -9.52
C PHE B 478 13.69 -28.87 -9.99
N ARG B 479 13.90 -29.42 -11.18
CA ARG B 479 12.98 -30.39 -11.75
C ARG B 479 13.01 -31.64 -10.87
N LYS B 480 14.22 -32.02 -10.47
CA LYS B 480 14.40 -33.21 -9.64
C LYS B 480 13.87 -33.10 -8.22
N ASP B 481 13.65 -31.87 -7.74
CA ASP B 481 13.12 -31.68 -6.39
C ASP B 481 12.35 -30.37 -6.28
N LEU B 482 11.13 -30.45 -5.76
CA LEU B 482 10.30 -29.27 -5.63
C LEU B 482 10.28 -28.69 -4.23
N SER B 483 10.77 -29.42 -3.24
CA SER B 483 10.82 -28.90 -1.88
C SER B 483 11.83 -27.77 -1.99
N LEU B 484 12.84 -28.04 -2.81
CA LEU B 484 13.96 -27.16 -3.08
C LEU B 484 13.57 -25.70 -3.23
N ALA B 485 14.26 -24.87 -2.46
CA ALA B 485 14.04 -23.43 -2.42
C ALA B 485 15.08 -22.69 -3.27
N CYS B 486 16.28 -23.25 -3.36
CA CYS B 486 17.36 -22.61 -4.11
C CYS B 486 18.50 -23.56 -4.52
N VAL B 487 19.03 -23.37 -5.74
CA VAL B 487 20.16 -24.17 -6.19
C VAL B 487 21.22 -23.17 -6.60
N TYR B 488 22.47 -23.50 -6.34
CA TYR B 488 23.57 -22.60 -6.67
C TYR B 488 24.80 -23.37 -7.08
N THR B 489 25.51 -22.83 -8.07
CA THR B 489 26.72 -23.44 -8.57
C THR B 489 27.97 -22.87 -7.90
N THR B 490 28.99 -22.63 -8.71
CA THR B 490 30.23 -22.06 -8.23
C THR B 490 30.78 -21.25 -9.37
N ASN B 491 32.02 -20.81 -9.27
CA ASN B 491 32.58 -19.97 -10.33
C ASN B 491 34.09 -19.91 -10.37
N ARG B 492 34.57 -19.11 -11.31
CA ARG B 492 36.01 -18.87 -11.49
C ARG B 492 36.11 -17.36 -11.69
N ASN B 493 37.06 -16.73 -11.00
CA ASN B 493 37.26 -15.28 -11.07
C ASN B 493 37.86 -14.81 -12.41
N ILE B 494 37.61 -13.54 -12.75
CA ILE B 494 38.10 -12.99 -14.00
C ILE B 494 38.73 -11.61 -13.84
N ASP B 495 39.49 -11.22 -14.86
CA ASP B 495 40.16 -9.92 -14.94
C ASP B 495 39.11 -8.98 -15.54
N ARG B 496 38.96 -7.78 -14.98
CA ARG B 496 37.99 -6.80 -15.49
C ARG B 496 37.76 -6.99 -16.98
N GLU B 497 38.86 -7.20 -17.70
CA GLU B 497 38.85 -7.40 -19.13
C GLU B 497 38.26 -8.75 -19.51
N GLY B 498 38.98 -9.83 -19.20
CA GLY B 498 38.49 -11.15 -19.52
C GLY B 498 39.40 -12.27 -19.09
N ASN B 499 40.69 -11.95 -18.91
CA ASN B 499 41.67 -12.94 -18.50
C ASN B 499 41.20 -13.70 -17.28
N LEU B 500 41.19 -15.03 -17.40
CA LEU B 500 40.77 -15.88 -16.30
C LEU B 500 41.81 -15.86 -15.19
N ILE B 501 41.43 -15.39 -14.01
CA ILE B 501 42.36 -15.35 -12.87
C ILE B 501 42.35 -16.67 -12.10
N SER B 502 41.76 -16.68 -10.92
CA SER B 502 41.70 -17.89 -10.11
C SER B 502 40.29 -18.48 -10.06
N ASN B 503 40.19 -19.78 -9.77
CA ASN B 503 38.89 -20.45 -9.71
C ASN B 503 38.18 -20.09 -8.42
N GLY B 504 36.89 -19.83 -8.54
CA GLY B 504 36.08 -19.45 -7.40
C GLY B 504 35.99 -20.49 -6.31
N TYR B 505 35.79 -20.01 -5.08
CA TYR B 505 35.68 -20.85 -3.90
C TYR B 505 34.58 -21.88 -4.11
N ASN B 506 34.61 -22.93 -3.28
CA ASN B 506 33.60 -23.96 -3.38
C ASN B 506 33.49 -24.82 -2.12
N TRP B 507 32.29 -24.92 -1.59
CA TRP B 507 32.05 -25.76 -0.44
C TRP B 507 31.43 -26.96 -1.13
N PRO B 508 32.03 -28.14 -0.97
CA PRO B 508 31.53 -29.37 -1.60
C PRO B 508 30.04 -29.65 -1.42
N ILE B 509 29.59 -29.70 -0.17
CA ILE B 509 28.19 -29.99 0.13
C ILE B 509 27.51 -28.96 1.02
N TYR B 510 26.26 -28.67 0.70
CA TYR B 510 25.49 -27.70 1.45
C TYR B 510 24.89 -28.22 2.75
N SER B 511 24.52 -27.27 3.58
CA SER B 511 23.89 -27.50 4.87
C SER B 511 23.61 -26.09 5.44
N ARG B 512 22.48 -25.94 6.14
CA ARG B 512 22.11 -24.65 6.73
C ARG B 512 23.08 -24.24 7.81
N GLU B 513 23.43 -25.19 8.65
CA GLU B 513 24.36 -24.95 9.76
C GLU B 513 25.66 -24.34 9.23
N LYS B 514 26.10 -24.76 8.05
CA LYS B 514 27.33 -24.24 7.45
C LYS B 514 27.17 -22.78 6.98
N LEU B 515 26.12 -22.50 6.21
CA LEU B 515 25.85 -21.16 5.72
C LEU B 515 25.71 -20.15 6.87
N THR B 516 25.31 -20.64 8.02
CA THR B 516 25.14 -19.80 9.19
C THR B 516 26.46 -19.66 9.93
N SER B 517 27.54 -20.11 9.32
CA SER B 517 28.88 -20.01 9.93
C SER B 517 29.89 -19.34 9.00
N ALA B 518 29.50 -19.21 7.72
CA ALA B 518 30.33 -18.58 6.69
C ALA B 518 29.71 -18.77 5.29
N MET B 519 29.54 -17.66 4.59
CA MET B 519 28.95 -17.66 3.24
C MET B 519 29.49 -18.76 2.32
N ILE B 520 28.79 -19.88 2.28
CA ILE B 520 29.16 -21.01 1.43
C ILE B 520 28.21 -21.13 0.26
N CYS B 521 27.42 -20.08 0.05
CA CYS B 521 26.46 -20.08 -1.03
C CYS B 521 27.01 -19.29 -2.22
N HIS B 522 27.89 -19.96 -2.97
CA HIS B 522 28.58 -19.39 -4.11
C HIS B 522 27.77 -18.73 -5.19
N HIS B 523 28.42 -18.27 -6.27
CA HIS B 523 27.66 -17.53 -7.16
C HIS B 523 27.37 -18.30 -8.24
N PHE B 524 26.23 -18.85 -8.44
CA PHE B 524 25.15 -18.57 -9.35
C PHE B 524 24.13 -19.23 -8.62
N ARG B 525 22.96 -18.70 -8.55
CA ARG B 525 22.12 -18.75 -7.43
C ARG B 525 20.94 -18.58 -8.08
N MET B 526 20.02 -19.51 -7.93
CA MET B 526 18.71 -19.40 -8.53
C MET B 526 17.85 -19.87 -7.38
N PHE B 527 16.71 -19.22 -7.21
CA PHE B 527 15.78 -19.54 -6.14
C PHE B 527 14.36 -19.37 -6.66
N THR B 528 13.41 -19.98 -5.97
CA THR B 528 12.01 -19.91 -6.34
C THR B 528 11.38 -18.57 -6.02
N ALA B 529 10.59 -18.07 -6.97
CA ALA B 529 9.91 -16.81 -6.77
C ALA B 529 9.16 -16.89 -5.44
N ARG B 530 8.49 -18.02 -5.22
CA ARG B 530 7.72 -18.27 -4.01
C ARG B 530 8.62 -18.16 -2.79
N ALA B 531 9.76 -18.86 -2.81
CA ALA B 531 10.71 -18.82 -1.70
C ALA B 531 10.92 -17.36 -1.38
N TRP B 532 11.55 -16.66 -2.31
CA TRP B 532 11.82 -15.25 -2.15
C TRP B 532 10.64 -14.57 -1.48
N ASN B 533 9.46 -14.70 -2.07
CA ASN B 533 8.27 -14.08 -1.50
C ASN B 533 7.95 -14.47 -0.05
N LEU B 534 8.57 -15.54 0.41
CA LEU B 534 8.35 -15.96 1.76
C LEU B 534 9.35 -15.25 2.64
N THR B 535 10.24 -14.48 2.03
CA THR B 535 11.23 -13.74 2.79
C THR B 535 10.93 -12.26 2.79
N GLU B 536 11.78 -11.50 3.48
CA GLU B 536 11.67 -10.05 3.58
C GLU B 536 12.40 -9.28 2.48
N GLY B 537 12.84 -9.99 1.44
CA GLY B 537 13.55 -9.32 0.37
C GLY B 537 14.93 -8.87 0.83
N PHE B 538 15.61 -8.12 -0.02
CA PHE B 538 16.94 -7.65 0.30
C PHE B 538 16.95 -6.55 1.35
N ASN B 539 18.09 -6.40 2.01
CA ASN B 539 18.28 -5.38 3.04
C ASN B 539 18.80 -4.15 2.32
N GLU B 540 17.99 -3.10 2.29
CA GLU B 540 18.37 -1.86 1.62
C GLU B 540 19.02 -0.89 2.61
N SER B 541 19.64 -1.44 3.65
CA SER B 541 20.25 -0.58 4.65
C SER B 541 21.69 -0.94 5.00
N ILE B 542 22.27 -1.88 4.28
CA ILE B 542 23.65 -2.25 4.55
C ILE B 542 24.53 -2.14 3.31
N SER B 543 25.62 -1.39 3.47
CA SER B 543 26.60 -1.17 2.40
C SER B 543 26.93 -2.46 1.66
N ASN B 544 27.20 -3.51 2.42
CA ASN B 544 27.53 -4.80 1.86
C ASN B 544 26.90 -5.96 2.62
N ALA B 545 27.22 -7.19 2.20
CA ALA B 545 26.71 -8.42 2.80
C ALA B 545 25.29 -8.74 2.34
N VAL B 546 24.69 -7.83 1.59
CA VAL B 546 23.33 -8.03 1.12
C VAL B 546 23.14 -9.45 0.63
N ASP B 547 24.06 -9.87 -0.23
CA ASP B 547 24.04 -11.22 -0.76
C ASP B 547 23.81 -12.21 0.39
N TYR B 548 24.77 -12.28 1.30
CA TYR B 548 24.73 -13.18 2.44
C TYR B 548 23.45 -13.06 3.29
N ASP B 549 22.76 -11.93 3.18
CA ASP B 549 21.52 -11.70 3.92
C ASP B 549 20.31 -12.31 3.23
N MET B 550 20.34 -12.37 1.90
CA MET B 550 19.21 -12.93 1.16
C MET B 550 19.21 -14.44 1.25
N TYR B 551 20.31 -15.04 0.82
CA TYR B 551 20.45 -16.47 0.83
C TYR B 551 20.48 -16.99 2.25
N LEU B 552 20.48 -16.06 3.20
CA LEU B 552 20.43 -16.48 4.58
C LEU B 552 18.93 -16.43 4.86
N LYS B 553 18.29 -15.34 4.47
CA LYS B 553 16.87 -15.21 4.66
C LYS B 553 16.15 -16.34 3.94
N LEU B 554 16.70 -16.79 2.81
CA LEU B 554 16.10 -17.88 2.06
C LEU B 554 16.35 -19.25 2.68
N SER B 555 17.60 -19.50 3.08
CA SER B 555 17.97 -20.78 3.70
C SER B 555 17.00 -21.25 4.78
N GLU B 556 16.19 -20.33 5.30
CA GLU B 556 15.22 -20.66 6.34
C GLU B 556 13.89 -21.20 5.79
N VAL B 557 13.48 -20.67 4.65
CA VAL B 557 12.23 -21.05 3.99
C VAL B 557 12.23 -22.44 3.32
N GLY B 558 13.39 -22.90 2.86
CA GLY B 558 13.46 -24.19 2.20
C GLY B 558 14.86 -24.77 2.05
N PRO B 559 14.98 -25.98 1.47
CA PRO B 559 16.27 -26.65 1.25
C PRO B 559 17.02 -26.17 0.01
N PHE B 560 18.34 -26.26 0.07
CA PHE B 560 19.20 -25.85 -1.03
C PHE B 560 19.92 -27.05 -1.62
N LYS B 561 20.26 -26.97 -2.90
CA LYS B 561 20.98 -28.04 -3.59
C LYS B 561 22.23 -27.36 -4.14
N HIS B 562 23.40 -28.00 -4.08
CA HIS B 562 24.57 -27.33 -4.64
C HIS B 562 25.25 -28.02 -5.83
N ILE B 563 25.16 -27.39 -7.00
CA ILE B 563 25.79 -27.91 -8.20
C ILE B 563 27.29 -27.62 -8.10
N ASN B 564 28.12 -28.66 -7.99
CA ASN B 564 29.56 -28.45 -7.88
C ASN B 564 30.26 -28.33 -9.24
N LYS B 565 29.77 -27.40 -10.07
CA LYS B 565 30.32 -27.14 -11.41
C LYS B 565 30.48 -25.63 -11.61
N ILE B 566 31.52 -25.21 -12.30
CA ILE B 566 31.75 -23.77 -12.53
C ILE B 566 30.86 -23.21 -13.64
N CYS B 567 29.96 -22.30 -13.26
CA CYS B 567 29.05 -21.68 -14.24
C CYS B 567 29.11 -20.16 -14.18
N TYR B 568 29.90 -19.63 -13.26
CA TYR B 568 30.02 -18.19 -13.09
C TYR B 568 31.44 -17.66 -13.25
N ASN B 569 31.55 -16.51 -13.89
CA ASN B 569 32.81 -15.81 -14.13
C ASN B 569 32.58 -14.45 -13.49
N ARG B 570 33.24 -14.20 -12.37
CA ARG B 570 33.05 -12.92 -11.69
C ARG B 570 34.34 -12.11 -11.69
N VAL B 571 34.20 -10.81 -11.97
CA VAL B 571 35.34 -9.90 -11.98
C VAL B 571 35.86 -9.79 -10.56
N LEU B 572 37.14 -9.50 -10.42
CA LEU B 572 37.72 -9.41 -9.09
C LEU B 572 38.19 -8.01 -8.71
N HIS B 573 37.25 -7.09 -8.55
CA HIS B 573 37.61 -5.74 -8.18
C HIS B 573 37.34 -5.50 -6.70
N ASN B 576 39.74 -4.91 -5.14
CA ASN B 576 41.15 -4.53 -5.26
C ASN B 576 41.68 -3.94 -3.97
N THR B 577 41.55 -2.62 -3.85
CA THR B 577 42.01 -1.89 -2.67
C THR B 577 40.90 -1.21 -1.88
N SER B 578 40.70 -1.67 -0.64
CA SER B 578 39.69 -1.12 0.24
C SER B 578 40.37 -0.56 1.48
N ILE B 579 40.23 0.74 1.69
CA ILE B 579 40.86 1.38 2.84
C ILE B 579 40.21 1.03 4.17
N LYS B 580 41.03 0.59 5.12
CA LYS B 580 40.64 0.17 6.46
C LYS B 580 39.24 0.56 6.95
N LYS B 581 38.96 1.86 6.99
CA LYS B 581 37.65 2.34 7.46
C LYS B 581 36.45 1.50 6.99
N LEU B 582 36.28 1.36 5.68
CA LEU B 582 35.17 0.59 5.14
C LEU B 582 35.32 -0.87 5.55
N ASP B 583 36.56 -1.36 5.62
CA ASP B 583 36.81 -2.73 6.01
C ASP B 583 36.33 -2.92 7.45
N ILE B 584 36.17 -1.82 8.18
CA ILE B 584 35.72 -1.89 9.57
C ILE B 584 34.22 -2.20 9.66
N GLN B 585 33.44 -1.72 8.68
CA GLN B 585 32.01 -1.96 8.66
C GLN B 585 31.70 -3.29 7.99
N LYS B 586 32.52 -3.68 7.01
CA LYS B 586 32.32 -4.94 6.32
C LYS B 586 32.14 -6.07 7.32
N GLU B 587 33.17 -6.30 8.13
CA GLU B 587 33.11 -7.35 9.14
C GLU B 587 31.93 -7.12 10.06
N ASN B 588 31.56 -5.85 10.24
CA ASN B 588 30.44 -5.48 11.10
C ASN B 588 29.14 -6.04 10.51
N HIS B 589 28.83 -5.63 9.29
CA HIS B 589 27.65 -6.09 8.58
C HIS B 589 27.56 -7.60 8.67
N PHE B 590 28.61 -8.25 8.18
CA PHE B 590 28.71 -9.69 8.20
C PHE B 590 28.00 -10.25 9.44
N LYS B 591 28.66 -10.18 10.58
CA LYS B 591 28.09 -10.68 11.84
C LYS B 591 26.65 -10.27 12.09
N VAL B 592 26.32 -9.03 11.77
CA VAL B 592 24.96 -8.54 11.96
C VAL B 592 24.04 -9.44 11.18
N VAL B 593 24.33 -9.61 9.90
CA VAL B 593 23.53 -10.46 9.04
C VAL B 593 23.16 -11.76 9.75
N ASN B 594 24.16 -12.50 10.20
CA ASN B 594 23.92 -13.75 10.91
C ASN B 594 22.94 -13.56 12.05
N GLU B 595 23.39 -12.88 13.09
CA GLU B 595 22.54 -12.62 14.25
C GLU B 595 21.14 -12.20 13.82
N SER B 596 21.07 -11.34 12.80
CA SER B 596 19.81 -10.83 12.29
C SER B 596 18.88 -11.98 12.02
N LEU B 597 19.48 -13.15 11.86
CA LEU B 597 18.74 -14.37 11.66
C LEU B 597 18.36 -14.76 13.08
N SER B 598 17.83 -13.77 13.81
CA SER B 598 17.37 -13.93 15.19
C SER B 598 15.88 -14.09 15.04
N ARG B 599 15.47 -14.33 13.81
CA ARG B 599 14.07 -14.53 13.50
C ARG B 599 13.80 -16.00 13.81
N LEU B 600 14.84 -16.82 13.72
CA LEU B 600 14.65 -18.22 14.02
C LEU B 600 14.31 -18.42 15.50
N GLY B 601 14.10 -17.30 16.20
CA GLY B 601 13.75 -17.36 17.60
C GLY B 601 14.84 -17.79 18.55
N ILE B 602 16.06 -17.83 18.05
CA ILE B 602 17.20 -18.21 18.87
C ILE B 602 17.50 -17.04 19.79
N LYS B 603 17.54 -17.31 21.09
CA LYS B 603 17.80 -16.27 22.09
C LYS B 603 18.98 -16.51 23.01
N LYS B 604 19.52 -17.72 22.98
CA LYS B 604 20.64 -18.06 23.84
C LYS B 604 22.04 -17.97 23.23
N TYR B 605 22.12 -17.92 21.90
CA TYR B 605 23.44 -17.83 21.27
C TYR B 605 23.63 -16.59 20.40
N LYS B 606 24.87 -16.14 20.35
CA LYS B 606 25.25 -14.96 19.60
C LYS B 606 26.50 -15.32 18.81
N TYR B 607 26.43 -15.14 17.51
CA TYR B 607 27.54 -15.44 16.61
C TYR B 607 28.49 -14.24 16.63
N SER B 608 29.42 -14.26 17.59
CA SER B 608 30.40 -13.19 17.79
C SER B 608 31.76 -13.48 17.18
N PRO B 609 32.63 -12.45 17.06
CA PRO B 609 33.97 -12.62 16.49
C PRO B 609 34.94 -13.21 17.52
N LEU B 610 36.00 -13.82 17.01
CA LEU B 610 37.04 -14.43 17.84
C LEU B 610 38.30 -13.65 17.52
N THR B 611 38.12 -12.37 17.20
CA THR B 611 39.25 -11.53 16.82
C THR B 611 38.76 -10.12 16.50
N ASN B 612 39.48 -9.12 16.99
CA ASN B 612 39.08 -7.74 16.72
C ASN B 612 39.61 -7.26 15.37
N LEU B 613 40.36 -8.13 14.70
CA LEU B 613 40.93 -7.80 13.39
C LEU B 613 39.76 -7.66 12.40
N ASN B 614 39.89 -6.70 11.49
CA ASN B 614 38.84 -6.40 10.52
C ASN B 614 38.60 -7.31 9.35
N GLU B 615 39.64 -7.93 8.81
CA GLU B 615 39.44 -8.84 7.69
C GLU B 615 39.39 -10.30 8.12
N CYS B 616 39.36 -10.52 9.44
CA CYS B 616 39.28 -11.86 10.00
C CYS B 616 37.82 -12.24 9.98
N ARG B 617 37.51 -13.53 9.90
CA ARG B 617 36.12 -13.98 9.92
C ARG B 617 35.87 -15.13 10.89
N LYS B 618 36.86 -15.44 11.71
CA LYS B 618 36.77 -16.51 12.71
C LYS B 618 35.71 -16.15 13.75
N TYR B 619 34.89 -17.13 14.15
CA TYR B 619 33.80 -16.88 15.09
C TYR B 619 33.73 -17.76 16.34
N THR B 620 32.95 -17.29 17.32
CA THR B 620 32.74 -18.03 18.57
C THR B 620 31.27 -17.96 18.92
N TRP B 621 30.75 -19.06 19.46
CA TRP B 621 29.35 -19.10 19.86
C TRP B 621 29.20 -18.76 21.33
N GLU B 622 29.06 -17.47 21.65
CA GLU B 622 28.92 -17.08 23.04
C GLU B 622 27.51 -17.35 23.58
N LYS B 623 27.47 -18.10 24.67
CA LYS B 623 26.20 -18.44 25.29
C LYS B 623 25.74 -17.25 26.12
N ILE B 624 24.68 -16.61 25.67
CA ILE B 624 24.15 -15.45 26.38
C ILE B 624 23.01 -15.92 27.29
#